data_4YTP
#
_entry.id   4YTP
#
_cell.length_a   71.429
_cell.length_b   84.008
_cell.length_c   294.817
_cell.angle_alpha   90.00
_cell.angle_beta   90.00
_cell.angle_gamma   90.00
#
_symmetry.space_group_name_H-M   'P 21 21 21'
#
loop_
_entity.id
_entity.type
_entity.pdbx_description
1 polymer 'Succinate dehydrogenase [ubiquinone] flavoprotein subunit, mitochondrial'
2 polymer 'Succinate dehydrogenase [ubiquinone] iron-sulfur subunit, mitochondrial'
3 polymer 'Succinate dehydrogenase cytochrome b560 subunit, mitochondrial'
4 polymer 'Succinate dehydrogenase [ubiquinone] cytochrome b small subunit, mitochondrial'
5 non-polymer 'FLAVIN-ADENINE DINUCLEOTIDE'
6 non-polymer 'FE2/S2 (INORGANIC) CLUSTER'
7 non-polymer 'IRON/SULFUR CLUSTER'
8 non-polymer 'FE3-S4 CLUSTER'
9 non-polymer 'PROTOPORPHYRIN IX CONTAINING FE'
10 non-polymer N-(4-tert-butylbenzyl)-2-(trifluoromethyl)benzamide
11 water water
#
loop_
_entity_poly.entity_id
_entity_poly.type
_entity_poly.pdbx_seq_one_letter_code
_entity_poly.pdbx_strand_id
1 'polypeptide(L)'
;MSGVRAVSRLLRARRLALTWAQPAASPIGARSFHFTVDGNKRSSAKVSDAISTQYPVVDHEFDAVVVGAGGAGLRAAFGL
SEAGFNTACVTKLFPTRSHTVAAQGGINAALGNMEEDNWRWHFYDTVKGSDWLGDQDAIHYMTEQAPASVVELENYGMPF
SRTEDGKIYQRAFGGQSLKFGKGGQAHRCCCVADRTGHSLLHTLYGRSLRYDTSYFVEYFALDLLMENGECRGVIALCIE
DGSIHRIRARNTVVATGGYGRTYFSCTSAHTSTGDGTAMVTRAGLPCQDLEFVQFHPTGIYGAGCLITEGCRGEGGILIN
SQGERFMERYAPVAKDLASRDVVSRSMTLEIREGRGCGPEKDHVYLQLHHLPPEQLAVRLPGISETAMIFAGVDVTKEPI
PVLPTVHYNMGGIPTNYKGQVLRHVNGQDQVVPGLYACGEAACASVHGANRLGANSLLDLVVFGRACALSIAESCRPGDK
VPSIKPNAGEESVMNLDKLRFANGTIRTSELRLSMQKSMQSHAAVFRVGSVLQEGCEKILRLYGDLQHLKTFDRGMVWNT
DLVETLELQNLMLCALQTIYGAEARKESRGAHAREDFKERVDEYDYSKPIQGQQKKPFQEHWRKHTLSYVDVKTGKVSLE
YRPVIDKTLNEADCATVPPAIRSY
;
A
2 'polypeptide(L)'
;MAAVVAVSLKRWFPATTLGGACLQACRGAQTAAATAPRIKKFAIYRWDPDKTGDKPHMQTYEIDLNNCGPMVLDALIKIK
NEIDSTLTFRRSCREGICGSCAMNINGGNTLACTRRIDTNLDKVSKIYPLPHMYVIKDLVPDLSNFYAQYKSIEPYLKKK
DESQEGKQQYLQSIEEREKLDGLYECILCACCSTSCPSYWWNGDKYLGPAVLMQAYRWMIDSRDDFTEERLAKLQDPFSL
YRCHTIMNCTGTCPKGLNPGKAIAEIKKMMATYKEKKASA
;
B
3 'polypeptide(L)'
;MAALLLRHVGRHCLRAHLSPQLCIRNAVPLGTTAKEEMERFWNKNLGSNRPLSPHITIYRWSLPMAMSICHRGTGIALSA
GVSLFGLSALLLPGNFESHLELVKSLCLGPTLIYTAKFGIVFPLMYHTWNGIRHLIWDLGKGLTIPQLTQSGVVVLILTV
LSSVGLAAM
;
C
4 'polypeptide(L)'
;MATLWRLSVLCGARGGGALVLRTSVVRPAHVSAFLQDRHTPGWCGVQHIHLSPSHQASSKAASLHWTGERVVSVLLLGLL
PAAYLNPCSAMDYSLAAALTLHGHWGIGQVVTDYVRGDALQKVAKAGLLALSAFTFAGLCYFNYHDVGICKAVAMLWKL
;
D
#
loop_
_chem_comp.id
_chem_comp.type
_chem_comp.name
_chem_comp.formula
E23 non-polymer N-(4-tert-butylbenzyl)-2-(trifluoromethyl)benzamide 'C19 H20 F3 N O'
F3S non-polymer 'FE3-S4 CLUSTER' 'Fe3 S4'
FAD non-polymer 'FLAVIN-ADENINE DINUCLEOTIDE' 'C27 H33 N9 O15 P2'
FES non-polymer 'FE2/S2 (INORGANIC) CLUSTER' 'Fe2 S2'
HEM non-polymer 'PROTOPORPHYRIN IX CONTAINING FE' 'C34 H32 Fe N4 O4'
SF4 non-polymer 'IRON/SULFUR CLUSTER' 'Fe4 S4'
#
# COMPACT_ATOMS: atom_id res chain seq x y z
N SER A 52 -18.50 14.90 -29.30
CA SER A 52 -17.44 13.97 -29.77
C SER A 52 -16.29 14.74 -30.41
N THR A 53 -15.22 14.01 -30.77
CA THR A 53 -14.01 14.62 -31.36
C THR A 53 -13.32 15.63 -30.42
N GLN A 54 -13.89 15.83 -29.24
CA GLN A 54 -13.19 16.42 -28.10
C GLN A 54 -12.23 15.38 -27.52
N TYR A 55 -12.49 14.09 -27.81
CA TYR A 55 -11.69 12.97 -27.32
C TYR A 55 -10.92 12.29 -28.44
N PRO A 56 -9.59 12.18 -28.29
CA PRO A 56 -8.84 11.28 -29.16
C PRO A 56 -8.95 9.84 -28.65
N VAL A 57 -9.16 8.88 -29.55
CA VAL A 57 -9.19 7.47 -29.17
C VAL A 57 -7.89 6.81 -29.59
N VAL A 58 -7.26 6.10 -28.68
CA VAL A 58 -5.96 5.48 -28.96
C VAL A 58 -6.08 3.95 -28.87
N ASP A 59 -6.07 3.30 -30.02
CA ASP A 59 -6.22 1.85 -30.10
C ASP A 59 -4.90 1.18 -29.77
N HIS A 60 -4.95 0.14 -28.93
CA HIS A 60 -3.80 -0.70 -28.63
C HIS A 60 -4.14 -2.11 -29.06
N GLU A 61 -3.12 -2.92 -29.35
CA GLU A 61 -3.32 -4.34 -29.70
C GLU A 61 -2.61 -5.22 -28.70
N PHE A 62 -3.24 -6.35 -28.34
CA PHE A 62 -2.67 -7.25 -27.33
C PHE A 62 -3.18 -8.68 -27.47
N ASP A 63 -2.46 -9.60 -26.84
CA ASP A 63 -2.87 -11.00 -26.78
C ASP A 63 -3.83 -11.26 -25.62
N ALA A 64 -3.75 -10.44 -24.56
CA ALA A 64 -4.71 -10.52 -23.45
C ALA A 64 -4.79 -9.23 -22.64
N VAL A 65 -5.99 -8.90 -22.16
CA VAL A 65 -6.17 -7.81 -21.19
C VAL A 65 -6.72 -8.39 -19.89
N VAL A 66 -6.06 -8.05 -18.79
CA VAL A 66 -6.53 -8.41 -17.46
C VAL A 66 -6.92 -7.10 -16.80
N VAL A 67 -8.22 -6.93 -16.56
CA VAL A 67 -8.71 -5.76 -15.81
C VAL A 67 -8.73 -6.06 -14.31
N GLY A 68 -7.79 -5.45 -13.60
CA GLY A 68 -7.60 -5.69 -12.17
C GLY A 68 -6.14 -5.92 -11.87
N ALA A 69 -5.66 -5.29 -10.80
CA ALA A 69 -4.34 -5.58 -10.25
C ALA A 69 -4.46 -5.71 -8.74
N GLY A 70 -5.06 -6.82 -8.38
CA GLY A 70 -5.22 -7.25 -7.02
C GLY A 70 -4.87 -8.67 -7.24
N GLY A 71 -4.75 -9.45 -6.20
CA GLY A 71 -4.00 -10.66 -6.34
C GLY A 71 -4.56 -11.41 -7.51
N ALA A 72 -5.85 -11.36 -7.71
CA ALA A 72 -6.40 -12.05 -8.84
C ALA A 72 -5.90 -11.46 -10.12
N GLY A 73 -5.90 -10.15 -10.20
CA GLY A 73 -5.41 -9.47 -11.39
C GLY A 73 -3.96 -9.74 -11.66
N LEU A 74 -3.12 -9.50 -10.66
CA LEU A 74 -1.69 -9.73 -10.77
C LEU A 74 -1.46 -11.15 -11.25
N ARG A 75 -1.96 -12.12 -10.47
CA ARG A 75 -1.67 -13.52 -10.73
C ARG A 75 -2.06 -13.91 -12.13
N ALA A 76 -3.28 -13.53 -12.52
CA ALA A 76 -3.73 -13.78 -13.88
C ALA A 76 -2.78 -13.10 -14.84
N ALA A 77 -2.64 -11.80 -14.66
CA ALA A 77 -1.82 -10.94 -15.53
C ALA A 77 -0.49 -11.57 -15.95
N PHE A 78 0.37 -11.89 -14.97
CA PHE A 78 1.72 -12.34 -15.29
C PHE A 78 1.81 -13.82 -15.64
N GLY A 79 0.91 -14.63 -15.08
CA GLY A 79 0.79 -16.04 -15.47
C GLY A 79 0.55 -16.19 -16.96
N LEU A 80 -0.17 -15.21 -17.53
CA LEU A 80 -0.36 -15.05 -18.98
C LEU A 80 0.95 -14.72 -19.66
N SER A 81 1.58 -13.64 -19.21
CA SER A 81 2.86 -13.22 -19.74
C SER A 81 3.86 -14.36 -19.64
N GLU A 82 3.95 -14.97 -18.47
CA GLU A 82 4.82 -16.14 -18.24
C GLU A 82 4.59 -17.18 -19.33
N ALA A 83 3.33 -17.40 -19.68
CA ALA A 83 3.00 -18.31 -20.77
C ALA A 83 3.30 -17.71 -22.14
N GLY A 84 3.90 -16.52 -22.16
CA GLY A 84 4.34 -15.88 -23.40
C GLY A 84 3.23 -15.23 -24.18
N PHE A 85 2.33 -14.54 -23.47
CA PHE A 85 1.25 -13.79 -24.11
C PHE A 85 1.50 -12.30 -23.93
N ASN A 86 1.49 -11.58 -25.06
CA ASN A 86 1.61 -10.13 -25.01
C ASN A 86 0.40 -9.57 -24.28
N THR A 87 0.59 -9.31 -22.99
CA THR A 87 -0.53 -9.12 -22.06
C THR A 87 -0.54 -7.72 -21.46
N ALA A 88 -1.72 -7.08 -21.50
CA ALA A 88 -1.95 -5.77 -20.87
C ALA A 88 -2.62 -5.97 -19.51
N CYS A 89 -2.53 -4.97 -18.64
CA CYS A 89 -3.22 -5.02 -17.36
C CYS A 89 -3.75 -3.63 -17.01
N VAL A 90 -5.06 -3.46 -17.11
CA VAL A 90 -5.69 -2.19 -16.86
C VAL A 90 -6.18 -2.13 -15.41
N THR A 91 -5.61 -1.22 -14.63
CA THR A 91 -6.00 -1.00 -13.24
C THR A 91 -6.12 0.48 -12.95
N LYS A 92 -7.25 0.89 -12.38
CA LYS A 92 -7.54 2.29 -12.09
C LYS A 92 -6.69 2.83 -10.94
N LEU A 93 -6.18 1.94 -10.09
CA LEU A 93 -5.24 2.31 -9.04
C LEU A 93 -3.89 1.66 -9.28
N PHE A 94 -2.87 2.17 -8.60
CA PHE A 94 -1.56 1.52 -8.60
C PHE A 94 -1.77 0.18 -7.90
N PRO A 95 -1.27 -0.91 -8.51
CA PRO A 95 -1.51 -2.25 -8.03
C PRO A 95 -1.48 -2.39 -6.52
N THR A 96 -0.37 -2.01 -5.89
CA THR A 96 -0.23 -2.10 -4.43
C THR A 96 -1.43 -1.52 -3.69
N ARG A 97 -1.96 -0.42 -4.22
CA ARG A 97 -3.07 0.28 -3.57
C ARG A 97 -4.37 -0.54 -3.50
N SER A 98 -4.41 -1.67 -4.20
CA SER A 98 -5.62 -2.48 -4.28
C SER A 98 -5.97 -3.04 -2.92
N HIS A 99 -7.08 -3.75 -2.87
CA HIS A 99 -7.68 -4.12 -1.61
C HIS A 99 -7.01 -5.29 -0.94
N THR A 100 -6.61 -6.32 -1.70
CA THR A 100 -6.02 -7.50 -1.08
C THR A 100 -4.95 -7.08 -0.06
N VAL A 101 -4.24 -5.99 -0.33
CA VAL A 101 -3.40 -5.33 0.66
C VAL A 101 -4.06 -5.29 2.04
N ALA A 102 -5.29 -4.79 2.06
CA ALA A 102 -6.06 -4.58 3.29
C ALA A 102 -6.26 -5.86 4.10
N ALA A 103 -6.28 -7.00 3.41
CA ALA A 103 -6.55 -8.28 4.05
C ALA A 103 -5.51 -8.64 5.08
N GLN A 104 -5.96 -9.36 6.11
CA GLN A 104 -5.19 -9.57 7.36
C GLN A 104 -5.10 -11.03 7.82
N GLY A 105 -6.19 -11.76 7.73
CA GLY A 105 -6.29 -13.10 8.33
C GLY A 105 -5.27 -14.12 7.82
N GLY A 106 -5.52 -14.64 6.62
CA GLY A 106 -4.58 -15.53 5.97
C GLY A 106 -5.13 -16.16 4.72
N ILE A 107 -4.44 -17.18 4.24
CA ILE A 107 -4.82 -17.84 3.00
C ILE A 107 -4.78 -19.37 3.23
N ASN A 108 -5.96 -20.00 3.15
CA ASN A 108 -6.15 -21.40 3.55
C ASN A 108 -5.59 -22.40 2.58
N ALA A 109 -4.94 -23.42 3.11
CA ALA A 109 -4.33 -24.46 2.29
C ALA A 109 -3.81 -25.55 3.21
N ALA A 110 -4.33 -26.76 3.04
CA ALA A 110 -3.93 -27.89 3.85
C ALA A 110 -2.53 -28.32 3.48
N LEU A 111 -1.54 -27.69 4.10
CA LEU A 111 -0.17 -28.12 3.94
C LEU A 111 0.17 -29.16 5.00
N GLY A 112 -0.67 -29.25 6.04
CA GLY A 112 -0.38 -30.08 7.20
C GLY A 112 0.93 -29.63 7.81
N ASN A 113 0.95 -28.37 8.23
CA ASN A 113 2.13 -27.79 8.86
C ASN A 113 2.00 -27.82 10.37
N MET A 114 0.79 -27.57 10.86
CA MET A 114 0.51 -27.63 12.28
C MET A 114 0.26 -29.11 12.64
N GLU A 115 -0.87 -29.63 12.18
CA GLU A 115 -1.25 -31.03 12.37
C GLU A 115 -0.95 -31.74 11.06
N GLU A 116 -1.59 -32.88 10.82
CA GLU A 116 -1.65 -33.42 9.46
C GLU A 116 -3.09 -33.24 8.92
N ASP A 117 -3.17 -33.07 7.60
CA ASP A 117 -4.38 -32.54 6.99
C ASP A 117 -4.63 -33.15 5.61
N ASN A 118 -5.89 -33.03 5.18
CA ASN A 118 -6.31 -33.45 3.86
C ASN A 118 -7.12 -32.34 3.22
N TRP A 119 -6.81 -32.02 1.97
CA TRP A 119 -7.52 -30.97 1.27
C TRP A 119 -8.99 -31.30 1.08
N ARG A 120 -9.31 -32.58 1.02
CA ARG A 120 -10.69 -32.99 0.90
C ARG A 120 -11.45 -32.55 2.17
N TRP A 121 -10.78 -32.50 3.32
CA TRP A 121 -11.44 -32.00 4.52
C TRP A 121 -11.70 -30.51 4.37
N HIS A 122 -10.77 -29.84 3.68
CA HIS A 122 -10.94 -28.44 3.27
C HIS A 122 -12.13 -28.30 2.31
N PHE A 123 -12.15 -29.12 1.27
CA PHE A 123 -13.27 -29.14 0.34
C PHE A 123 -14.57 -29.20 1.12
N TYR A 124 -14.72 -30.24 1.93
CA TYR A 124 -15.94 -30.46 2.71
C TYR A 124 -16.32 -29.22 3.51
N ASP A 125 -15.35 -28.64 4.21
CA ASP A 125 -15.61 -27.47 5.02
C ASP A 125 -16.09 -26.30 4.16
N THR A 126 -15.50 -26.16 2.98
CA THR A 126 -15.85 -25.07 2.06
C THR A 126 -17.26 -25.25 1.52
N VAL A 127 -17.55 -26.46 1.05
CA VAL A 127 -18.84 -26.71 0.43
C VAL A 127 -19.95 -26.72 1.47
N LYS A 128 -19.65 -27.15 2.70
CA LYS A 128 -20.62 -26.99 3.78
C LYS A 128 -20.88 -25.51 3.91
N GLY A 129 -19.81 -24.76 4.21
CA GLY A 129 -19.85 -23.31 4.29
C GLY A 129 -20.73 -22.64 3.25
N SER A 130 -20.65 -23.13 2.01
CA SER A 130 -21.41 -22.52 0.89
C SER A 130 -22.92 -22.64 1.08
N ASP A 131 -23.32 -23.49 2.03
CA ASP A 131 -24.72 -23.80 2.28
C ASP A 131 -25.35 -24.37 1.02
N TRP A 132 -24.57 -25.22 0.35
CA TRP A 132 -24.95 -25.92 -0.87
C TRP A 132 -25.52 -25.08 -2.04
N LEU A 133 -25.10 -23.82 -2.10
CA LEU A 133 -25.26 -23.02 -3.30
C LEU A 133 -23.91 -22.97 -4.03
N GLY A 134 -22.87 -23.52 -3.41
CA GLY A 134 -21.51 -23.47 -3.95
C GLY A 134 -21.20 -24.62 -4.89
N ASP A 135 -20.70 -24.29 -6.08
CA ASP A 135 -20.57 -25.27 -7.17
C ASP A 135 -19.35 -26.16 -6.97
N GLN A 136 -19.61 -27.45 -6.76
CA GLN A 136 -18.63 -28.31 -6.11
C GLN A 136 -17.44 -28.72 -6.97
N ASP A 137 -17.55 -28.55 -8.29
CA ASP A 137 -16.40 -28.80 -9.16
C ASP A 137 -15.30 -27.74 -8.94
N ALA A 138 -15.70 -26.48 -8.90
CA ALA A 138 -14.76 -25.38 -8.66
C ALA A 138 -14.15 -25.42 -7.26
N ILE A 139 -14.87 -25.99 -6.30
CA ILE A 139 -14.37 -26.09 -4.93
C ILE A 139 -13.34 -27.20 -4.77
N HIS A 140 -13.55 -28.30 -5.47
CA HIS A 140 -12.56 -29.38 -5.57
C HIS A 140 -11.28 -28.78 -6.14
N TYR A 141 -11.39 -28.18 -7.30
CA TYR A 141 -10.25 -27.63 -8.04
C TYR A 141 -9.40 -26.74 -7.17
N MET A 142 -10.06 -25.90 -6.39
CA MET A 142 -9.39 -24.95 -5.53
C MET A 142 -8.67 -25.67 -4.40
N THR A 143 -9.43 -26.44 -3.60
CA THR A 143 -8.90 -27.00 -2.37
C THR A 143 -7.73 -27.94 -2.62
N GLU A 144 -7.79 -28.71 -3.71
CA GLU A 144 -6.64 -29.49 -4.18
C GLU A 144 -5.47 -28.56 -4.48
N GLN A 145 -5.73 -27.63 -5.38
CA GLN A 145 -4.74 -26.68 -5.85
C GLN A 145 -4.11 -25.80 -4.74
N ALA A 146 -4.86 -25.55 -3.67
CA ALA A 146 -4.45 -24.58 -2.65
C ALA A 146 -3.04 -24.77 -2.11
N PRO A 147 -2.67 -26.03 -1.76
CA PRO A 147 -1.29 -26.29 -1.46
C PRO A 147 -0.34 -25.75 -2.52
N ALA A 148 -0.51 -26.19 -3.75
CA ALA A 148 0.41 -25.81 -4.81
C ALA A 148 0.48 -24.29 -4.97
N SER A 149 -0.69 -23.65 -4.94
CA SER A 149 -0.80 -22.19 -5.15
C SER A 149 -0.11 -21.38 -4.04
N VAL A 150 -0.27 -21.83 -2.80
CA VAL A 150 0.39 -21.18 -1.66
C VAL A 150 1.89 -21.34 -1.73
N VAL A 151 2.36 -22.58 -1.79
CA VAL A 151 3.79 -22.86 -2.00
C VAL A 151 4.41 -21.98 -3.09
N GLU A 152 3.73 -21.85 -4.20
CA GLU A 152 4.16 -20.96 -5.27
C GLU A 152 4.40 -19.51 -4.76
N LEU A 153 3.52 -19.01 -3.89
CA LEU A 153 3.64 -17.64 -3.34
C LEU A 153 4.80 -17.51 -2.37
N GLU A 154 5.19 -18.62 -1.76
CA GLU A 154 6.30 -18.63 -0.82
C GLU A 154 7.61 -18.70 -1.59
N ASN A 155 7.63 -19.50 -2.65
CA ASN A 155 8.77 -19.50 -3.54
C ASN A 155 8.85 -18.23 -4.39
N TYR A 156 7.79 -17.42 -4.35
CA TYR A 156 7.80 -16.09 -4.95
C TYR A 156 8.50 -15.09 -4.04
N GLY A 157 8.42 -15.32 -2.72
CA GLY A 157 9.07 -14.44 -1.73
C GLY A 157 8.23 -14.03 -0.53
N MET A 158 6.95 -14.36 -0.54
CA MET A 158 6.03 -13.87 0.48
C MET A 158 6.52 -14.36 1.84
N PRO A 159 6.69 -13.43 2.80
CA PRO A 159 7.30 -13.80 4.07
C PRO A 159 6.26 -14.30 5.06
N PHE A 160 5.90 -15.57 4.94
CA PHE A 160 4.97 -16.14 5.89
C PHE A 160 5.61 -16.20 7.27
N SER A 161 4.79 -16.04 8.30
CA SER A 161 5.20 -16.36 9.65
C SER A 161 5.64 -17.82 9.65
N ARG A 162 6.57 -18.15 10.55
CA ARG A 162 7.14 -19.49 10.58
C ARG A 162 6.88 -20.25 11.88
N THR A 163 7.20 -21.54 11.86
CA THR A 163 6.93 -22.45 12.97
C THR A 163 8.23 -22.89 13.66
N GLU A 164 8.11 -23.76 14.66
CA GLU A 164 9.28 -24.45 15.21
C GLU A 164 10.04 -25.20 14.08
N ASP A 165 9.28 -25.79 13.16
CA ASP A 165 9.85 -26.54 12.03
C ASP A 165 10.33 -25.65 10.87
N GLY A 166 10.05 -24.35 10.96
CA GLY A 166 10.43 -23.40 9.92
C GLY A 166 9.62 -23.51 8.65
N LYS A 167 8.42 -24.09 8.77
CA LYS A 167 7.43 -24.11 7.69
C LYS A 167 6.43 -22.98 7.93
N ILE A 168 5.50 -22.80 7.00
CA ILE A 168 4.53 -21.74 7.08
C ILE A 168 3.58 -21.90 8.26
N TYR A 169 3.41 -20.86 9.04
CA TYR A 169 2.52 -20.93 10.19
C TYR A 169 1.06 -20.83 9.74
N GLN A 170 0.31 -21.92 9.91
CA GLN A 170 -1.14 -21.93 9.67
C GLN A 170 -1.89 -21.75 10.98
N ARG A 171 -3.11 -21.24 10.93
CA ARG A 171 -3.89 -21.08 12.16
C ARG A 171 -5.40 -21.23 11.97
N ALA A 172 -6.09 -21.40 13.09
CA ALA A 172 -7.54 -21.66 13.10
C ALA A 172 -8.32 -20.47 12.57
N PHE A 173 -9.45 -20.76 11.94
CA PHE A 173 -10.26 -19.73 11.35
C PHE A 173 -11.69 -20.24 11.29
N GLY A 174 -12.63 -19.31 11.20
CA GLY A 174 -14.05 -19.60 11.36
C GLY A 174 -14.63 -20.57 10.34
N GLY A 175 -14.91 -21.79 10.83
CA GLY A 175 -15.67 -22.80 10.09
C GLY A 175 -14.89 -24.00 9.59
N GLN A 176 -13.69 -24.23 10.14
CA GLN A 176 -12.79 -25.23 9.58
C GLN A 176 -12.56 -26.40 10.54
N SER A 177 -12.38 -27.59 9.96
CA SER A 177 -12.35 -28.85 10.70
C SER A 177 -11.49 -29.94 10.07
N LEU A 178 -11.37 -31.05 10.77
CA LEU A 178 -10.65 -32.21 10.30
C LEU A 178 -11.59 -33.41 10.15
N LYS A 179 -11.11 -34.44 9.46
CA LYS A 179 -11.91 -35.61 9.10
C LYS A 179 -13.35 -35.22 8.76
N PHE A 180 -13.51 -34.38 7.74
CA PHE A 180 -14.82 -33.97 7.22
C PHE A 180 -15.81 -33.61 8.32
N GLY A 181 -15.39 -32.79 9.28
CA GLY A 181 -16.30 -32.31 10.33
C GLY A 181 -16.25 -33.10 11.63
N LYS A 182 -15.74 -34.33 11.57
CA LYS A 182 -15.68 -35.20 12.75
C LYS A 182 -14.51 -34.82 13.66
N GLY A 183 -13.30 -34.74 13.08
CA GLY A 183 -12.07 -34.67 13.85
C GLY A 183 -11.70 -33.33 14.49
N GLY A 184 -12.71 -32.52 14.84
CA GLY A 184 -12.48 -31.27 15.57
C GLY A 184 -11.97 -30.09 14.74
N GLN A 185 -11.34 -29.12 15.42
CA GLN A 185 -10.89 -27.87 14.80
C GLN A 185 -9.67 -28.06 13.88
N ALA A 186 -9.58 -27.23 12.84
CA ALA A 186 -8.49 -27.31 11.87
C ALA A 186 -7.70 -26.01 11.77
N HIS A 187 -6.45 -26.16 11.33
CA HIS A 187 -5.45 -25.10 11.36
C HIS A 187 -4.71 -25.05 10.03
N ARG A 188 -5.33 -24.44 9.02
CA ARG A 188 -4.74 -24.37 7.67
C ARG A 188 -4.66 -22.96 7.07
N CYS A 189 -4.95 -21.94 7.86
CA CYS A 189 -4.88 -20.55 7.41
C CYS A 189 -3.43 -20.07 7.48
N CYS A 190 -2.72 -20.28 6.39
CA CYS A 190 -1.34 -19.80 6.22
C CYS A 190 -1.36 -18.29 6.30
N CYS A 191 -0.44 -17.70 7.05
CA CYS A 191 -0.47 -16.26 7.25
C CYS A 191 0.89 -15.61 7.44
N VAL A 192 0.92 -14.31 7.14
CA VAL A 192 2.10 -13.46 7.29
C VAL A 192 1.79 -12.58 8.48
N ALA A 193 1.92 -13.17 9.65
CA ALA A 193 1.44 -12.59 10.90
C ALA A 193 -0.03 -12.14 10.72
N ASP A 194 -0.23 -10.85 10.55
CA ASP A 194 -1.55 -10.27 10.50
C ASP A 194 -1.77 -9.45 9.21
N ARG A 195 -0.81 -9.49 8.29
CA ARG A 195 -0.85 -8.61 7.12
C ARG A 195 -0.71 -9.44 5.84
N THR A 196 -1.44 -10.53 5.78
CA THR A 196 -1.15 -11.53 4.78
C THR A 196 -1.59 -11.07 3.40
N GLY A 197 -2.61 -10.22 3.33
CA GLY A 197 -3.01 -9.62 2.06
C GLY A 197 -1.94 -8.67 1.52
N HIS A 198 -1.46 -7.81 2.41
CA HIS A 198 -0.40 -6.87 2.09
C HIS A 198 0.77 -7.59 1.44
N SER A 199 1.34 -8.54 2.17
CA SER A 199 2.47 -9.31 1.68
C SER A 199 2.10 -9.97 0.35
N LEU A 200 1.03 -10.76 0.38
CA LEU A 200 0.53 -11.39 -0.83
C LEU A 200 0.61 -10.42 -2.01
N LEU A 201 0.05 -9.24 -1.85
CA LEU A 201 -0.04 -8.31 -2.95
C LEU A 201 1.34 -7.83 -3.41
N HIS A 202 2.17 -7.43 -2.46
CA HIS A 202 3.47 -6.86 -2.83
C HIS A 202 4.39 -7.96 -3.32
N THR A 203 4.19 -9.18 -2.88
CA THR A 203 5.02 -10.26 -3.38
C THR A 203 4.72 -10.39 -4.85
N LEU A 204 3.45 -10.66 -5.15
CA LEU A 204 2.96 -10.74 -6.52
C LEU A 204 3.34 -9.51 -7.34
N TYR A 205 2.90 -8.35 -6.89
CA TYR A 205 3.28 -7.15 -7.62
C TYR A 205 4.76 -7.20 -7.97
N GLY A 206 5.60 -7.51 -6.98
CA GLY A 206 7.04 -7.61 -7.19
C GLY A 206 7.37 -8.55 -8.32
N ARG A 207 6.97 -9.81 -8.15
CA ARG A 207 7.08 -10.81 -9.21
C ARG A 207 6.62 -10.30 -10.55
N SER A 208 5.51 -9.56 -10.55
CA SER A 208 4.89 -9.05 -11.79
C SER A 208 5.91 -8.33 -12.68
N LEU A 209 6.81 -7.58 -12.04
CA LEU A 209 7.84 -6.78 -12.71
C LEU A 209 8.90 -7.56 -13.47
N ARG A 210 8.92 -8.87 -13.29
CA ARG A 210 9.92 -9.73 -13.87
C ARG A 210 9.50 -10.16 -15.29
N TYR A 211 8.46 -9.52 -15.84
CA TYR A 211 7.93 -9.87 -17.15
C TYR A 211 7.50 -8.62 -17.93
N ASP A 212 7.26 -8.81 -19.22
CA ASP A 212 6.90 -7.71 -20.14
C ASP A 212 5.39 -7.38 -20.17
N THR A 213 4.67 -7.79 -19.12
CA THR A 213 3.30 -7.33 -18.90
C THR A 213 3.24 -5.80 -18.94
N SER A 214 2.30 -5.25 -19.74
CA SER A 214 2.17 -3.80 -19.94
C SER A 214 1.08 -3.19 -19.03
N TYR A 215 1.51 -2.54 -17.95
CA TYR A 215 0.58 -2.03 -16.95
C TYR A 215 0.08 -0.64 -17.28
N PHE A 216 -1.21 -0.53 -17.52
CA PHE A 216 -1.87 0.76 -17.65
C PHE A 216 -2.31 1.20 -16.25
N VAL A 217 -1.44 1.91 -15.55
CA VAL A 217 -1.76 2.35 -14.18
C VAL A 217 -2.68 3.57 -14.21
N GLU A 218 -3.57 3.65 -13.23
CA GLU A 218 -4.54 4.72 -13.16
C GLU A 218 -5.21 4.91 -14.51
N TYR A 219 -5.82 3.81 -14.96
CA TYR A 219 -6.69 3.76 -16.13
C TYR A 219 -8.00 3.10 -15.71
N PHE A 220 -9.09 3.85 -15.79
CA PHE A 220 -10.42 3.38 -15.35
C PHE A 220 -11.17 2.74 -16.53
N ALA A 221 -11.27 1.42 -16.54
CA ALA A 221 -12.05 0.71 -17.56
C ALA A 221 -13.49 1.20 -17.55
N LEU A 222 -14.04 1.42 -18.74
CA LEU A 222 -15.39 1.98 -18.88
C LEU A 222 -16.39 0.87 -19.18
N ASP A 223 -16.23 0.22 -20.34
CA ASP A 223 -17.11 -0.86 -20.78
C ASP A 223 -16.31 -1.96 -21.45
N LEU A 224 -16.93 -3.12 -21.61
CA LEU A 224 -16.34 -4.22 -22.37
C LEU A 224 -16.41 -3.93 -23.86
N LEU A 225 -15.50 -4.49 -24.63
CA LEU A 225 -15.59 -4.39 -26.08
C LEU A 225 -16.23 -5.65 -26.61
N MET A 226 -17.54 -5.77 -26.39
CA MET A 226 -18.28 -6.92 -26.84
C MET A 226 -18.62 -6.72 -28.33
N GLU A 227 -18.72 -7.81 -29.08
CA GLU A 227 -19.21 -7.74 -30.47
C GLU A 227 -19.75 -9.09 -30.95
N ASN A 228 -21.08 -9.18 -31.02
CA ASN A 228 -21.77 -10.40 -31.37
C ASN A 228 -21.42 -11.47 -30.37
N GLY A 229 -21.73 -11.18 -29.12
CA GLY A 229 -21.51 -12.12 -28.02
C GLY A 229 -20.06 -12.37 -27.65
N GLU A 230 -19.12 -11.71 -28.31
CA GLU A 230 -17.70 -11.99 -28.12
C GLU A 230 -16.95 -10.76 -27.63
N CYS A 231 -16.12 -10.93 -26.61
CA CYS A 231 -15.40 -9.81 -26.02
C CYS A 231 -14.06 -9.58 -26.72
N ARG A 232 -13.85 -8.32 -27.09
CA ARG A 232 -12.68 -7.92 -27.85
C ARG A 232 -11.77 -7.03 -27.01
N GLY A 233 -11.89 -7.11 -25.69
CA GLY A 233 -11.08 -6.29 -24.81
C GLY A 233 -11.88 -5.25 -24.05
N VAL A 234 -11.24 -4.13 -23.71
CA VAL A 234 -11.88 -3.05 -22.97
C VAL A 234 -11.53 -1.69 -23.51
N ILE A 235 -12.47 -0.77 -23.36
CA ILE A 235 -12.25 0.63 -23.63
C ILE A 235 -12.12 1.26 -22.25
N ALA A 236 -11.25 2.26 -22.12
CA ALA A 236 -10.93 2.81 -20.80
C ALA A 236 -10.49 4.27 -20.80
N LEU A 237 -10.81 4.94 -19.70
CA LEU A 237 -10.35 6.29 -19.44
C LEU A 237 -8.90 6.21 -19.00
N CYS A 238 -8.09 7.18 -19.43
CA CYS A 238 -6.72 7.32 -18.93
C CYS A 238 -6.70 8.50 -17.98
N ILE A 239 -6.90 8.21 -16.70
CA ILE A 239 -7.17 9.24 -15.67
C ILE A 239 -6.27 10.48 -15.82
N GLU A 240 -5.01 10.28 -16.22
CA GLU A 240 -4.03 11.38 -16.26
C GLU A 240 -4.34 12.48 -17.28
N ASP A 241 -4.29 12.16 -18.57
CA ASP A 241 -4.56 13.17 -19.61
C ASP A 241 -6.05 13.24 -19.97
N GLY A 242 -6.80 12.21 -19.59
CA GLY A 242 -8.23 12.17 -19.88
C GLY A 242 -8.61 11.52 -21.21
N SER A 243 -7.60 11.19 -22.03
CA SER A 243 -7.84 10.53 -23.31
C SER A 243 -8.45 9.12 -23.14
N ILE A 244 -8.83 8.53 -24.27
CA ILE A 244 -9.56 7.26 -24.25
C ILE A 244 -8.87 6.20 -25.12
N HIS A 245 -8.80 4.98 -24.59
CA HIS A 245 -7.94 3.95 -25.16
C HIS A 245 -8.68 2.62 -25.36
N ARG A 246 -8.77 2.23 -26.62
CA ARG A 246 -9.41 0.98 -26.98
C ARG A 246 -8.38 -0.12 -26.97
N ILE A 247 -8.24 -0.79 -25.83
CA ILE A 247 -7.32 -1.90 -25.70
C ILE A 247 -8.07 -3.13 -26.16
N ARG A 248 -7.66 -3.69 -27.30
CA ARG A 248 -8.33 -4.83 -27.89
C ARG A 248 -7.46 -6.08 -27.86
N ALA A 249 -8.09 -7.24 -27.67
CA ALA A 249 -7.36 -8.48 -27.39
C ALA A 249 -8.24 -9.70 -27.49
N ARG A 250 -7.58 -10.82 -27.80
CA ARG A 250 -8.25 -12.10 -28.10
C ARG A 250 -8.99 -12.64 -26.89
N ASN A 251 -8.49 -12.33 -25.70
CA ASN A 251 -9.19 -12.63 -24.49
C ASN A 251 -9.17 -11.44 -23.55
N THR A 252 -10.05 -11.51 -22.57
CA THR A 252 -10.20 -10.47 -21.56
C THR A 252 -10.42 -11.17 -20.22
N VAL A 253 -9.90 -10.58 -19.16
CA VAL A 253 -10.11 -11.12 -17.81
C VAL A 253 -10.55 -9.99 -16.92
N VAL A 254 -11.63 -10.22 -16.19
CA VAL A 254 -12.24 -9.19 -15.37
C VAL A 254 -12.05 -9.57 -13.92
N ALA A 255 -11.20 -8.82 -13.22
CA ALA A 255 -10.80 -9.16 -11.85
C ALA A 255 -10.81 -7.95 -10.91
N THR A 256 -11.97 -7.30 -10.84
CA THR A 256 -12.15 -5.98 -10.22
C THR A 256 -12.58 -6.01 -8.76
N GLY A 257 -12.76 -7.17 -8.18
CA GLY A 257 -13.22 -7.23 -6.80
C GLY A 257 -14.65 -6.77 -6.58
N GLY A 258 -14.96 -6.45 -5.33
CA GLY A 258 -16.34 -6.31 -4.87
C GLY A 258 -17.04 -4.98 -5.10
N TYR A 259 -18.20 -4.85 -4.47
CA TYR A 259 -19.04 -3.65 -4.55
C TYR A 259 -19.54 -3.27 -3.16
N GLY A 260 -18.76 -3.59 -2.13
CA GLY A 260 -19.09 -3.21 -0.76
C GLY A 260 -19.50 -1.75 -0.56
N ARG A 261 -19.14 -0.88 -1.50
CA ARG A 261 -19.57 0.53 -1.45
C ARG A 261 -21.02 0.76 -1.88
N THR A 262 -21.75 -0.30 -2.18
CA THR A 262 -23.20 -0.19 -2.30
C THR A 262 -23.86 0.11 -0.95
N TYR A 263 -23.15 -0.13 0.15
CA TYR A 263 -23.69 0.03 1.49
C TYR A 263 -23.14 1.25 2.21
N PHE A 264 -23.75 1.62 3.33
CA PHE A 264 -23.32 2.78 4.10
C PHE A 264 -22.20 2.40 5.06
N SER A 265 -22.05 1.10 5.31
CA SER A 265 -21.07 0.63 6.27
C SER A 265 -20.48 -0.68 5.78
N CYS A 266 -19.16 -0.67 5.58
CA CYS A 266 -18.46 -1.80 5.01
C CYS A 266 -16.99 -1.73 5.36
N THR A 267 -16.35 -2.89 5.40
CA THR A 267 -14.90 -2.96 5.59
C THR A 267 -14.17 -2.58 4.32
N SER A 268 -14.89 -2.61 3.20
CA SER A 268 -14.30 -2.33 1.89
C SER A 268 -13.80 -0.91 1.69
N ALA A 269 -12.89 -0.77 0.73
CA ALA A 269 -12.25 0.49 0.42
C ALA A 269 -13.15 1.38 -0.41
N HIS A 270 -12.75 2.64 -0.58
CA HIS A 270 -13.51 3.60 -1.37
C HIS A 270 -13.60 3.24 -2.85
N THR A 271 -12.70 2.34 -3.28
CA THR A 271 -12.56 1.96 -4.68
C THR A 271 -13.25 0.61 -5.05
N SER A 272 -13.90 0.02 -4.07
CA SER A 272 -14.61 -1.19 -4.27
C SER A 272 -15.96 -0.84 -4.81
N THR A 273 -16.01 -0.60 -6.10
CA THR A 273 -17.19 -0.10 -6.78
C THR A 273 -17.85 -1.03 -7.78
N GLY A 274 -17.55 -2.31 -7.76
CA GLY A 274 -18.29 -3.22 -8.60
C GLY A 274 -18.25 -2.85 -10.06
N ASP A 275 -17.13 -2.31 -10.49
CA ASP A 275 -16.92 -1.86 -11.85
C ASP A 275 -16.91 -2.95 -12.88
N GLY A 276 -16.31 -4.06 -12.55
CA GLY A 276 -16.27 -5.17 -13.48
C GLY A 276 -17.67 -5.74 -13.61
N THR A 277 -18.33 -5.86 -12.47
CA THR A 277 -19.65 -6.44 -12.41
C THR A 277 -20.61 -5.63 -13.30
N ALA A 278 -20.61 -4.32 -13.07
CA ALA A 278 -21.38 -3.36 -13.85
C ALA A 278 -21.10 -3.46 -15.34
N MET A 279 -19.83 -3.52 -15.75
CA MET A 279 -19.49 -3.64 -17.18
C MET A 279 -20.11 -4.86 -17.84
N VAL A 280 -20.06 -5.98 -17.13
CA VAL A 280 -20.75 -7.19 -17.59
C VAL A 280 -22.24 -6.90 -17.75
N THR A 281 -22.84 -6.26 -16.76
CA THR A 281 -24.26 -5.98 -16.79
C THR A 281 -24.64 -5.22 -18.05
N ARG A 282 -23.90 -4.16 -18.34
CA ARG A 282 -24.17 -3.34 -19.53
C ARG A 282 -23.86 -4.07 -20.85
N ALA A 283 -23.27 -5.27 -20.78
CA ALA A 283 -23.15 -6.12 -21.97
C ALA A 283 -24.41 -6.96 -22.19
N GLY A 284 -25.37 -6.83 -21.27
CA GLY A 284 -26.62 -7.58 -21.31
C GLY A 284 -26.41 -8.95 -20.72
N LEU A 285 -25.29 -9.11 -20.03
CA LEU A 285 -24.88 -10.40 -19.52
C LEU A 285 -25.35 -10.57 -18.08
N PRO A 286 -25.51 -11.83 -17.65
CA PRO A 286 -26.03 -12.02 -16.33
C PRO A 286 -24.93 -11.87 -15.30
N CYS A 287 -25.32 -11.40 -14.12
CA CYS A 287 -24.51 -11.55 -12.92
C CYS A 287 -25.21 -12.57 -12.05
N GLN A 288 -24.50 -13.11 -11.05
CA GLN A 288 -25.00 -14.23 -10.26
C GLN A 288 -25.05 -13.93 -8.76
N ASP A 289 -26.08 -14.45 -8.09
CA ASP A 289 -26.17 -14.47 -6.61
C ASP A 289 -25.74 -13.19 -5.91
N LEU A 290 -25.91 -12.05 -6.59
CA LEU A 290 -25.43 -10.79 -6.07
C LEU A 290 -26.16 -10.40 -4.79
N GLU A 291 -27.31 -10.99 -4.53
CA GLU A 291 -28.02 -10.78 -3.26
C GLU A 291 -27.21 -11.27 -2.06
N PHE A 292 -26.47 -12.36 -2.24
CA PHE A 292 -25.66 -12.93 -1.16
C PHE A 292 -24.45 -12.04 -0.81
N VAL A 293 -24.59 -11.35 0.32
CA VAL A 293 -23.59 -10.39 0.80
C VAL A 293 -23.10 -10.83 2.17
N GLN A 294 -21.78 -10.88 2.36
CA GLN A 294 -21.24 -11.31 3.62
C GLN A 294 -21.12 -10.15 4.59
N PHE A 295 -21.79 -10.28 5.73
CA PHE A 295 -21.62 -9.34 6.83
C PHE A 295 -20.59 -9.94 7.77
N HIS A 296 -19.36 -9.42 7.68
CA HIS A 296 -18.28 -9.82 8.58
C HIS A 296 -18.63 -9.40 10.00
N PRO A 297 -18.75 -10.38 10.91
CA PRO A 297 -19.11 -10.16 12.31
C PRO A 297 -18.43 -8.95 12.95
N THR A 298 -17.11 -8.90 12.87
CA THR A 298 -16.28 -7.83 13.47
C THR A 298 -16.07 -6.63 12.52
N GLY A 299 -15.32 -5.65 13.01
CA GLY A 299 -15.04 -4.42 12.27
C GLY A 299 -15.45 -3.23 13.11
N ILE A 300 -14.52 -2.28 13.33
CA ILE A 300 -14.74 -1.12 14.22
C ILE A 300 -16.12 -0.50 14.07
N TYR A 301 -16.71 -0.12 15.20
CA TYR A 301 -18.05 0.46 15.23
C TYR A 301 -18.12 1.73 14.39
N GLY A 302 -17.19 2.66 14.62
CA GLY A 302 -17.17 3.93 13.89
C GLY A 302 -16.86 3.79 12.41
N ALA A 303 -15.56 3.78 12.11
CA ALA A 303 -15.05 3.85 10.74
C ALA A 303 -15.44 2.68 9.82
N GLY A 304 -15.58 1.49 10.40
CA GLY A 304 -15.89 0.28 9.65
C GLY A 304 -14.70 -0.64 9.42
N CYS A 305 -13.51 -0.16 9.78
CA CYS A 305 -12.26 -0.93 9.58
C CYS A 305 -12.38 -2.33 10.16
N LEU A 306 -12.04 -3.33 9.34
CA LEU A 306 -12.11 -4.72 9.77
C LEU A 306 -11.11 -5.07 10.86
N ILE A 307 -11.57 -5.81 11.86
CA ILE A 307 -10.69 -6.51 12.77
C ILE A 307 -10.83 -7.97 12.39
N THR A 308 -9.71 -8.63 12.13
CA THR A 308 -9.74 -9.98 11.54
C THR A 308 -10.46 -11.06 12.38
N GLU A 309 -10.84 -12.12 11.68
CA GLU A 309 -11.36 -13.35 12.31
C GLU A 309 -10.19 -14.16 12.87
N GLY A 310 -8.98 -13.81 12.45
CA GLY A 310 -7.76 -14.28 13.09
C GLY A 310 -7.71 -13.94 14.57
N CYS A 311 -8.41 -12.88 14.97
CA CYS A 311 -8.56 -12.54 16.38
C CYS A 311 -9.26 -13.67 17.10
N ARG A 312 -10.36 -14.16 16.52
CA ARG A 312 -11.10 -15.29 17.06
C ARG A 312 -10.35 -16.61 16.87
N GLY A 313 -9.71 -16.77 15.73
CA GLY A 313 -8.86 -17.93 15.46
C GLY A 313 -7.62 -18.04 16.34
N GLU A 314 -7.16 -16.90 16.86
CA GLU A 314 -6.08 -16.88 17.86
C GLU A 314 -6.61 -16.89 19.31
N GLY A 315 -7.89 -17.20 19.48
CA GLY A 315 -8.50 -17.37 20.81
C GLY A 315 -9.30 -16.19 21.34
N GLY A 316 -9.63 -15.24 20.45
CA GLY A 316 -10.41 -14.06 20.83
C GLY A 316 -11.88 -14.39 21.01
N ILE A 317 -12.55 -13.63 21.87
CA ILE A 317 -13.90 -13.96 22.33
C ILE A 317 -14.84 -12.77 22.15
N LEU A 318 -16.13 -13.03 21.95
CA LEU A 318 -17.13 -11.96 21.82
C LEU A 318 -18.06 -11.86 23.04
N ILE A 319 -18.19 -10.64 23.60
CA ILE A 319 -18.98 -10.37 24.81
C ILE A 319 -20.09 -9.35 24.55
N ASN A 320 -21.27 -9.59 25.12
CA ASN A 320 -22.38 -8.64 25.09
C ASN A 320 -22.55 -7.93 26.44
N SER A 321 -23.53 -7.02 26.50
CA SER A 321 -23.65 -6.07 27.61
C SER A 321 -23.80 -6.67 29.02
N GLN A 322 -24.31 -7.89 29.12
CA GLN A 322 -24.44 -8.57 30.42
C GLN A 322 -23.22 -9.47 30.71
N GLY A 323 -22.17 -9.34 29.89
CA GLY A 323 -20.90 -10.03 30.14
C GLY A 323 -20.82 -11.44 29.55
N GLU A 324 -21.96 -12.07 29.32
CA GLU A 324 -22.01 -13.46 28.86
C GLU A 324 -21.13 -13.68 27.62
N ARG A 325 -20.41 -14.81 27.59
CA ARG A 325 -19.66 -15.21 26.39
C ARG A 325 -20.65 -15.65 25.31
N PHE A 326 -21.38 -14.67 24.79
CA PHE A 326 -22.72 -14.87 24.23
C PHE A 326 -22.80 -15.84 23.03
N MET A 327 -21.70 -15.99 22.31
CA MET A 327 -21.70 -16.83 21.10
C MET A 327 -21.76 -18.33 21.40
N GLU A 328 -21.57 -18.70 22.67
CA GLU A 328 -21.69 -20.09 23.08
C GLU A 328 -23.16 -20.51 23.18
N ARG A 329 -24.02 -19.54 23.53
CA ARG A 329 -25.48 -19.72 23.63
C ARG A 329 -26.10 -20.01 22.26
N TYR A 330 -25.53 -19.42 21.20
CA TYR A 330 -26.04 -19.62 19.84
C TYR A 330 -25.52 -20.91 19.20
N ALA A 331 -24.22 -21.00 19.03
CA ALA A 331 -23.58 -22.23 18.53
C ALA A 331 -22.68 -22.81 19.62
N PRO A 332 -22.89 -24.08 19.99
CA PRO A 332 -22.13 -24.65 21.09
C PRO A 332 -20.74 -25.18 20.71
N VAL A 333 -20.61 -25.79 19.52
CA VAL A 333 -19.37 -26.47 19.13
C VAL A 333 -18.35 -25.52 18.48
N ALA A 334 -18.85 -24.59 17.69
CA ALA A 334 -18.06 -23.48 17.15
C ALA A 334 -17.66 -22.46 18.20
N LYS A 335 -18.61 -22.13 19.04
CA LYS A 335 -18.40 -21.17 20.09
C LYS A 335 -17.87 -19.88 19.53
N ASP A 336 -18.35 -19.49 18.36
CA ASP A 336 -17.90 -18.26 17.72
C ASP A 336 -16.64 -18.32 16.85
N LEU A 337 -16.20 -19.52 16.49
CA LEU A 337 -15.24 -19.72 15.42
C LEU A 337 -16.05 -20.18 14.23
N ALA A 338 -17.35 -19.94 14.31
CA ALA A 338 -18.35 -20.46 13.37
C ALA A 338 -18.35 -19.65 12.08
N SER A 339 -19.16 -20.10 11.13
CA SER A 339 -19.35 -19.42 9.84
C SER A 339 -19.73 -17.95 10.02
N ARG A 340 -19.40 -17.10 9.06
CA ARG A 340 -19.66 -15.67 9.18
C ARG A 340 -21.14 -15.37 9.27
N ASP A 341 -21.91 -15.97 8.37
CA ASP A 341 -23.36 -15.79 8.34
C ASP A 341 -23.98 -16.02 9.72
N VAL A 342 -23.60 -17.12 10.36
CA VAL A 342 -24.13 -17.51 11.66
C VAL A 342 -23.67 -16.58 12.79
N VAL A 343 -22.36 -16.31 12.85
CA VAL A 343 -21.80 -15.46 13.91
C VAL A 343 -22.37 -14.05 13.86
N SER A 344 -22.33 -13.42 12.69
CA SER A 344 -22.87 -12.06 12.53
C SER A 344 -24.39 -12.00 12.83
N ARG A 345 -25.09 -13.07 12.47
CA ARG A 345 -26.49 -13.24 12.82
C ARG A 345 -26.66 -13.16 14.33
N SER A 346 -25.84 -13.93 15.06
CA SER A 346 -25.86 -13.96 16.53
C SER A 346 -25.65 -12.55 17.07
N MET A 347 -24.61 -11.89 16.57
CA MET A 347 -24.25 -10.55 16.98
C MET A 347 -25.40 -9.59 16.72
N THR A 348 -25.76 -9.50 15.44
CA THR A 348 -26.70 -8.48 14.97
C THR A 348 -28.09 -8.65 15.60
N LEU A 349 -28.42 -9.89 15.96
CA LEU A 349 -29.70 -10.19 16.60
C LEU A 349 -29.68 -9.78 18.06
N GLU A 350 -28.51 -9.88 18.69
CA GLU A 350 -28.34 -9.52 20.11
C GLU A 350 -28.37 -8.02 20.40
N ILE A 351 -28.25 -7.21 19.35
CA ILE A 351 -28.41 -5.76 19.46
C ILE A 351 -29.88 -5.38 19.26
N ARG A 352 -30.58 -6.12 18.38
CA ARG A 352 -32.00 -5.91 18.13
C ARG A 352 -32.83 -5.96 19.41
N GLU A 353 -32.48 -6.91 20.30
CA GLU A 353 -33.12 -7.03 21.60
C GLU A 353 -33.04 -5.70 22.35
N GLY A 354 -31.88 -5.05 22.28
CA GLY A 354 -31.57 -3.85 23.06
C GLY A 354 -30.39 -4.05 23.99
N ARG A 355 -29.61 -5.10 23.75
CA ARG A 355 -28.50 -5.52 24.62
C ARG A 355 -27.16 -5.21 23.96
N GLY A 356 -27.01 -3.97 23.50
CA GLY A 356 -25.77 -3.51 22.88
C GLY A 356 -24.83 -2.93 23.91
N CYS A 357 -23.58 -2.70 23.50
CA CYS A 357 -22.50 -2.29 24.42
C CYS A 357 -21.86 -0.98 23.99
N GLY A 358 -22.59 0.12 24.15
CA GLY A 358 -22.07 1.42 23.75
C GLY A 358 -22.93 2.58 24.19
N PRO A 359 -22.52 3.82 23.85
CA PRO A 359 -23.23 5.04 24.25
C PRO A 359 -24.68 5.10 23.76
N GLU A 360 -25.01 4.31 22.74
CA GLU A 360 -26.40 4.10 22.33
C GLU A 360 -26.78 2.61 22.35
N LYS A 361 -25.89 1.76 22.86
CA LYS A 361 -26.09 0.30 22.89
C LYS A 361 -26.33 -0.29 21.50
N ASP A 362 -25.33 -0.14 20.61
CA ASP A 362 -25.49 -0.56 19.21
C ASP A 362 -24.35 -1.43 18.65
N HIS A 363 -23.43 -1.88 19.50
CA HIS A 363 -22.34 -2.76 19.05
C HIS A 363 -21.92 -3.78 20.12
N VAL A 364 -21.22 -4.82 19.68
CA VAL A 364 -20.77 -5.92 20.54
C VAL A 364 -19.27 -5.77 20.81
N TYR A 365 -18.80 -6.38 21.90
CA TYR A 365 -17.38 -6.31 22.28
C TYR A 365 -16.60 -7.52 21.78
N LEU A 366 -15.44 -7.24 21.16
CA LEU A 366 -14.49 -8.28 20.74
C LEU A 366 -13.30 -8.23 21.69
N GLN A 367 -13.10 -9.31 22.44
CA GLN A 367 -12.09 -9.33 23.49
C GLN A 367 -10.79 -9.94 23.01
N LEU A 368 -9.69 -9.38 23.50
CA LEU A 368 -8.36 -9.89 23.21
C LEU A 368 -7.46 -9.95 24.45
N HIS A 369 -7.71 -9.09 25.44
CA HIS A 369 -6.78 -8.92 26.57
C HIS A 369 -6.38 -10.19 27.35
N HIS A 370 -7.23 -11.22 27.36
CA HIS A 370 -6.89 -12.50 28.03
C HIS A 370 -5.84 -13.35 27.29
N LEU A 371 -5.54 -12.98 26.03
CA LEU A 371 -4.45 -13.63 25.27
C LEU A 371 -3.10 -13.02 25.65
N PRO A 372 -2.04 -13.85 25.75
CA PRO A 372 -0.71 -13.32 26.10
C PRO A 372 -0.35 -12.06 25.30
N PRO A 373 0.18 -11.01 25.96
CA PRO A 373 0.67 -9.82 25.26
C PRO A 373 1.63 -10.12 24.10
N GLU A 374 2.51 -11.10 24.29
CA GLU A 374 3.50 -11.49 23.26
C GLU A 374 2.79 -12.05 22.04
N GLN A 375 1.71 -12.81 22.30
CA GLN A 375 0.88 -13.38 21.24
C GLN A 375 0.25 -12.29 20.41
N LEU A 376 -0.36 -11.31 21.06
CA LEU A 376 -0.95 -10.17 20.35
C LEU A 376 0.07 -9.46 19.46
N ALA A 377 1.32 -9.37 19.92
CA ALA A 377 2.39 -8.72 19.15
C ALA A 377 2.78 -9.53 17.91
N VAL A 378 3.02 -10.83 18.08
CA VAL A 378 3.51 -11.68 16.99
C VAL A 378 2.41 -11.93 15.94
N ARG A 379 1.24 -12.36 16.42
CA ARG A 379 0.15 -12.85 15.55
C ARG A 379 -0.80 -11.75 15.07
N LEU A 380 -0.94 -10.67 15.84
CA LEU A 380 -1.91 -9.62 15.55
C LEU A 380 -1.39 -8.19 15.78
N PRO A 381 -0.26 -7.81 15.15
CA PRO A 381 0.23 -6.45 15.34
C PRO A 381 -0.53 -5.42 14.50
N GLY A 382 -0.89 -5.80 13.28
CA GLY A 382 -1.60 -4.92 12.37
C GLY A 382 -2.88 -4.43 12.97
N ILE A 383 -3.72 -5.37 13.41
CA ILE A 383 -4.97 -5.02 14.07
C ILE A 383 -4.73 -4.34 15.43
N SER A 384 -3.71 -4.78 16.16
CA SER A 384 -3.35 -4.12 17.43
C SER A 384 -3.24 -2.61 17.23
N GLU A 385 -2.59 -2.20 16.14
CA GLU A 385 -2.35 -0.79 15.86
C GLU A 385 -3.59 -0.02 15.42
N THR A 386 -4.38 -0.57 14.49
CA THR A 386 -5.58 0.15 14.00
C THR A 386 -6.71 0.18 15.04
N ALA A 387 -6.71 -0.76 15.98
CA ALA A 387 -7.62 -0.73 17.14
C ALA A 387 -7.40 0.54 17.95
N MET A 388 -6.13 0.81 18.23
CA MET A 388 -5.70 2.07 18.85
C MET A 388 -6.13 3.27 18.01
N ILE A 389 -5.62 3.35 16.79
CA ILE A 389 -5.77 4.53 15.94
C ILE A 389 -7.22 5.00 15.76
N PHE A 390 -8.13 4.06 15.51
CA PHE A 390 -9.52 4.40 15.19
C PHE A 390 -10.44 4.41 16.40
N ALA A 391 -10.16 3.57 17.39
CA ALA A 391 -10.99 3.49 18.57
C ALA A 391 -10.35 4.11 19.81
N GLY A 392 -9.05 4.38 19.77
CA GLY A 392 -8.30 4.80 20.97
C GLY A 392 -8.19 3.66 21.96
N VAL A 393 -8.14 2.44 21.44
CA VAL A 393 -8.23 1.22 22.25
C VAL A 393 -6.95 0.40 22.25
N ASP A 394 -6.43 0.16 23.45
CA ASP A 394 -5.34 -0.80 23.63
C ASP A 394 -5.95 -2.18 23.54
N VAL A 395 -5.30 -3.09 22.82
CA VAL A 395 -5.81 -4.46 22.70
C VAL A 395 -5.36 -5.37 23.87
N THR A 396 -4.28 -4.99 24.55
CA THR A 396 -3.68 -5.83 25.60
C THR A 396 -4.46 -5.77 26.92
N LYS A 397 -5.25 -4.72 27.12
CA LYS A 397 -6.07 -4.59 28.32
C LYS A 397 -7.44 -3.91 28.12
N GLU A 398 -7.93 -3.91 26.88
CA GLU A 398 -9.32 -3.48 26.59
C GLU A 398 -9.89 -4.28 25.41
N PRO A 399 -11.21 -4.56 25.44
CA PRO A 399 -11.89 -5.17 24.29
C PRO A 399 -12.25 -4.14 23.21
N ILE A 400 -12.44 -4.61 21.98
CA ILE A 400 -12.71 -3.75 20.83
C ILE A 400 -14.23 -3.59 20.65
N PRO A 401 -14.69 -2.47 20.06
CA PRO A 401 -16.11 -2.35 19.72
C PRO A 401 -16.39 -2.76 18.28
N VAL A 402 -17.15 -3.84 18.10
CA VAL A 402 -17.38 -4.43 16.77
C VAL A 402 -18.86 -4.50 16.38
N LEU A 403 -19.10 -4.58 15.06
CA LEU A 403 -20.44 -4.54 14.50
C LEU A 403 -20.43 -5.26 13.15
N PRO A 404 -21.36 -6.23 12.96
CA PRO A 404 -21.54 -6.82 11.66
C PRO A 404 -21.66 -5.77 10.56
N THR A 405 -20.75 -5.85 9.60
CA THR A 405 -20.69 -4.88 8.50
C THR A 405 -20.22 -5.55 7.20
N VAL A 406 -20.75 -5.05 6.10
CA VAL A 406 -20.51 -5.59 4.76
C VAL A 406 -19.02 -5.80 4.51
N HIS A 407 -18.68 -6.91 3.86
CA HIS A 407 -17.27 -7.32 3.76
C HIS A 407 -16.90 -8.04 2.46
N TYR A 408 -17.69 -9.04 2.07
CA TYR A 408 -17.38 -9.78 0.85
C TYR A 408 -18.60 -10.05 -0.03
N ASN A 409 -18.40 -9.91 -1.34
CA ASN A 409 -19.40 -10.20 -2.33
C ASN A 409 -19.11 -11.53 -3.03
N MET A 410 -19.60 -12.62 -2.43
CA MET A 410 -19.54 -13.94 -3.09
C MET A 410 -20.44 -14.04 -4.32
N GLY A 411 -21.29 -13.04 -4.52
CA GLY A 411 -21.86 -12.83 -5.84
C GLY A 411 -20.81 -12.44 -6.87
N GLY A 412 -21.21 -12.44 -8.13
CA GLY A 412 -20.36 -11.91 -9.19
C GLY A 412 -20.74 -12.34 -10.60
N ILE A 413 -19.75 -12.25 -11.48
CA ILE A 413 -19.92 -12.64 -12.87
C ILE A 413 -19.84 -14.19 -12.92
N PRO A 414 -20.79 -14.84 -13.62
CA PRO A 414 -20.81 -16.33 -13.59
C PRO A 414 -19.65 -16.99 -14.35
N THR A 415 -19.15 -18.11 -13.83
CA THR A 415 -17.94 -18.73 -14.36
C THR A 415 -17.87 -20.25 -14.26
N ASN A 416 -17.14 -20.85 -15.21
CA ASN A 416 -16.55 -22.19 -15.07
C ASN A 416 -15.58 -22.26 -13.90
N TYR A 417 -15.14 -23.47 -13.59
CA TYR A 417 -13.99 -23.66 -12.74
C TYR A 417 -12.70 -23.31 -13.48
N LYS A 418 -12.81 -23.16 -14.80
CA LYS A 418 -11.71 -22.73 -15.67
C LYS A 418 -11.63 -21.23 -15.88
N GLY A 419 -12.48 -20.48 -15.20
CA GLY A 419 -12.38 -19.02 -15.24
C GLY A 419 -13.18 -18.35 -16.35
N GLN A 420 -13.86 -19.12 -17.18
CA GLN A 420 -14.53 -18.52 -18.34
C GLN A 420 -15.93 -18.04 -17.97
N VAL A 421 -16.29 -16.84 -18.44
CA VAL A 421 -17.56 -16.21 -18.08
C VAL A 421 -18.72 -16.89 -18.80
N LEU A 422 -19.84 -17.01 -18.07
CA LEU A 422 -21.00 -17.74 -18.55
C LEU A 422 -22.21 -16.86 -18.76
N ARG A 423 -22.91 -17.12 -19.85
CA ARG A 423 -24.26 -16.62 -20.09
C ARG A 423 -25.24 -17.78 -19.85
N HIS A 424 -26.54 -17.50 -19.97
CA HIS A 424 -27.56 -18.54 -19.76
C HIS A 424 -28.63 -18.49 -20.85
N VAL A 425 -28.39 -19.28 -21.90
CA VAL A 425 -29.30 -19.39 -23.02
C VAL A 425 -30.06 -20.71 -22.96
N ASN A 426 -31.34 -20.68 -23.34
CA ASN A 426 -32.14 -21.90 -23.43
C ASN A 426 -32.06 -22.68 -22.12
N GLY A 427 -32.07 -21.95 -21.00
CA GLY A 427 -31.93 -22.56 -19.68
C GLY A 427 -30.70 -23.43 -19.55
N GLN A 428 -29.65 -23.12 -20.31
CA GLN A 428 -28.39 -23.88 -20.31
C GLN A 428 -27.19 -22.93 -20.22
N ASP A 429 -26.03 -23.49 -19.89
CA ASP A 429 -24.82 -22.68 -19.78
C ASP A 429 -24.13 -22.61 -21.13
N GLN A 430 -23.58 -21.44 -21.41
CA GLN A 430 -22.94 -21.15 -22.70
C GLN A 430 -21.77 -20.21 -22.45
N VAL A 431 -20.60 -20.54 -22.99
CA VAL A 431 -19.39 -19.79 -22.66
C VAL A 431 -19.28 -18.56 -23.55
N VAL A 432 -19.29 -17.38 -22.94
CA VAL A 432 -19.07 -16.14 -23.67
C VAL A 432 -17.66 -16.22 -24.20
N PRO A 433 -17.47 -16.15 -25.53
CA PRO A 433 -16.10 -16.32 -26.00
C PRO A 433 -15.22 -15.10 -25.73
N GLY A 434 -13.98 -15.37 -25.33
CA GLY A 434 -12.97 -14.33 -25.13
C GLY A 434 -13.21 -13.43 -23.94
N LEU A 435 -13.73 -13.99 -22.84
CA LEU A 435 -14.02 -13.22 -21.62
C LEU A 435 -13.99 -14.10 -20.39
N TYR A 436 -13.12 -13.76 -19.42
CA TYR A 436 -12.94 -14.54 -18.17
C TYR A 436 -13.17 -13.67 -16.93
N ALA A 437 -13.10 -14.28 -15.74
CA ALA A 437 -13.11 -13.53 -14.48
C ALA A 437 -12.62 -14.35 -13.29
N CYS A 438 -12.19 -13.67 -12.25
CA CYS A 438 -11.54 -14.35 -11.10
C CYS A 438 -11.48 -13.45 -9.87
N GLY A 439 -11.54 -14.08 -8.71
CA GLY A 439 -11.58 -13.36 -7.44
C GLY A 439 -12.99 -12.95 -7.04
N GLU A 440 -13.07 -11.86 -6.28
CA GLU A 440 -14.35 -11.34 -5.76
C GLU A 440 -15.28 -10.81 -6.88
N ALA A 441 -14.69 -10.54 -8.04
CA ALA A 441 -15.44 -10.06 -9.19
C ALA A 441 -16.33 -11.15 -9.74
N ALA A 442 -15.74 -12.33 -9.91
CA ALA A 442 -16.44 -13.45 -10.50
C ALA A 442 -17.27 -14.20 -9.47
N CYS A 443 -18.10 -15.08 -9.99
CA CYS A 443 -18.84 -16.03 -9.19
C CYS A 443 -18.80 -17.34 -9.95
N ALA A 444 -17.80 -18.15 -9.65
CA ALA A 444 -17.90 -19.58 -9.87
C ALA A 444 -18.79 -20.10 -8.75
N SER A 445 -19.00 -19.23 -7.75
CA SER A 445 -19.57 -19.60 -6.47
C SER A 445 -18.80 -20.80 -5.97
N VAL A 446 -17.52 -20.55 -5.72
CA VAL A 446 -16.67 -21.42 -4.92
C VAL A 446 -17.07 -21.19 -3.45
N HIS A 447 -17.74 -20.06 -3.20
CA HIS A 447 -18.23 -19.67 -1.87
C HIS A 447 -19.74 -19.86 -1.73
N GLY A 448 -20.48 -19.79 -2.84
CA GLY A 448 -21.91 -20.02 -2.83
C GLY A 448 -22.70 -18.99 -2.03
N ALA A 449 -23.27 -19.43 -0.90
CA ALA A 449 -24.09 -18.55 -0.05
C ALA A 449 -23.29 -17.95 1.10
N ASN A 450 -22.08 -18.44 1.32
CA ASN A 450 -21.27 -17.99 2.46
C ASN A 450 -19.79 -18.22 2.22
N ARG A 451 -19.02 -17.15 2.18
CA ARG A 451 -17.56 -17.27 2.09
C ARG A 451 -17.01 -17.85 3.39
N LEU A 452 -16.23 -18.92 3.27
CA LEU A 452 -15.44 -19.42 4.37
C LEU A 452 -14.18 -18.55 4.51
N GLY A 453 -13.81 -18.20 5.73
CA GLY A 453 -12.73 -17.24 5.97
C GLY A 453 -11.38 -17.70 5.48
N ALA A 454 -10.58 -16.77 4.98
CA ALA A 454 -9.25 -17.07 4.44
C ALA A 454 -9.25 -17.96 3.18
N ASN A 455 -10.37 -17.97 2.46
CA ASN A 455 -10.42 -18.66 1.18
C ASN A 455 -10.37 -17.69 0.00
N SER A 456 -10.77 -16.44 0.19
CA SER A 456 -10.86 -15.53 -0.96
C SER A 456 -9.50 -15.10 -1.50
N LEU A 457 -8.52 -14.90 -0.61
CA LEU A 457 -7.16 -14.67 -1.06
C LEU A 457 -6.67 -15.89 -1.85
N LEU A 458 -7.14 -17.07 -1.45
CA LEU A 458 -6.86 -18.30 -2.18
C LEU A 458 -7.62 -18.30 -3.51
N ASP A 459 -8.90 -17.94 -3.44
CA ASP A 459 -9.73 -17.71 -4.64
C ASP A 459 -8.96 -16.96 -5.72
N LEU A 460 -8.38 -15.84 -5.33
CA LEU A 460 -7.66 -14.96 -6.25
C LEU A 460 -6.58 -15.74 -7.00
N VAL A 461 -5.65 -16.27 -6.21
CA VAL A 461 -4.44 -16.94 -6.68
C VAL A 461 -4.76 -18.17 -7.52
N VAL A 462 -5.76 -18.93 -7.07
CA VAL A 462 -6.13 -20.15 -7.74
C VAL A 462 -6.75 -19.84 -9.11
N PHE A 463 -7.71 -18.93 -9.12
CA PHE A 463 -8.49 -18.72 -10.33
C PHE A 463 -7.85 -17.74 -11.25
N GLY A 464 -7.20 -16.73 -10.68
CA GLY A 464 -6.32 -15.90 -11.51
C GLY A 464 -5.45 -16.82 -12.34
N ARG A 465 -4.76 -17.73 -11.66
CA ARG A 465 -3.88 -18.70 -12.28
C ARG A 465 -4.61 -19.50 -13.34
N ALA A 466 -5.80 -19.97 -13.00
CA ALA A 466 -6.59 -20.79 -13.91
C ALA A 466 -6.93 -20.05 -15.21
N CYS A 467 -7.44 -18.82 -15.08
CA CYS A 467 -7.78 -18.01 -16.25
C CYS A 467 -6.66 -18.00 -17.26
N ALA A 468 -5.42 -17.83 -16.77
CA ALA A 468 -4.23 -17.83 -17.63
C ALA A 468 -4.05 -19.19 -18.32
N LEU A 469 -3.81 -20.21 -17.49
CA LEU A 469 -3.76 -21.62 -17.94
C LEU A 469 -4.82 -21.99 -18.96
N SER A 470 -6.04 -21.52 -18.72
CA SER A 470 -7.20 -21.81 -19.55
C SER A 470 -7.14 -21.12 -20.90
N ILE A 471 -6.58 -19.92 -20.95
CA ILE A 471 -6.33 -19.25 -22.23
C ILE A 471 -5.12 -19.90 -22.93
N ALA A 472 -4.03 -20.12 -22.18
CA ALA A 472 -2.84 -20.79 -22.71
C ALA A 472 -3.19 -22.08 -23.45
N GLU A 473 -3.93 -22.95 -22.78
CA GLU A 473 -4.29 -24.22 -23.39
C GLU A 473 -5.26 -24.13 -24.57
N SER A 474 -6.10 -23.08 -24.62
CA SER A 474 -7.14 -22.98 -25.66
C SER A 474 -6.71 -22.25 -26.94
N CYS A 475 -5.91 -21.19 -26.80
CA CYS A 475 -5.40 -20.43 -27.96
C CYS A 475 -3.90 -20.19 -27.79
N ARG A 476 -3.27 -19.54 -28.78
CA ARG A 476 -1.81 -19.36 -28.77
C ARG A 476 -1.42 -17.89 -28.94
N PRO A 477 -0.26 -17.48 -28.38
CA PRO A 477 0.20 -16.11 -28.58
C PRO A 477 0.36 -15.83 -30.07
N GLY A 478 0.12 -14.57 -30.45
CA GLY A 478 0.19 -14.18 -31.85
C GLY A 478 -1.06 -14.49 -32.68
N ASP A 479 -1.87 -15.45 -32.26
CA ASP A 479 -3.10 -15.79 -32.99
C ASP A 479 -3.95 -14.55 -33.29
N LYS A 480 -4.74 -14.66 -34.34
CA LYS A 480 -5.46 -13.52 -34.89
C LYS A 480 -6.23 -12.80 -33.78
N VAL A 481 -5.75 -11.61 -33.42
CA VAL A 481 -6.44 -10.75 -32.46
C VAL A 481 -7.67 -10.13 -33.13
N PRO A 482 -8.88 -10.53 -32.70
CA PRO A 482 -10.09 -10.20 -33.47
C PRO A 482 -10.31 -8.71 -33.72
N SER A 483 -10.99 -8.38 -34.81
CA SER A 483 -11.11 -6.99 -35.27
C SER A 483 -12.13 -6.20 -34.44
N ILE A 484 -12.40 -4.97 -34.88
CA ILE A 484 -13.20 -4.06 -34.08
C ILE A 484 -13.77 -2.97 -34.99
N LYS A 485 -15.09 -2.81 -34.96
CA LYS A 485 -15.74 -1.78 -35.77
C LYS A 485 -15.30 -0.38 -35.29
N PRO A 486 -15.06 0.53 -36.24
CA PRO A 486 -14.48 1.84 -35.94
C PRO A 486 -15.20 2.65 -34.88
N ASN A 487 -16.52 2.59 -34.86
CA ASN A 487 -17.31 3.32 -33.87
C ASN A 487 -17.51 2.56 -32.56
N ALA A 488 -16.75 1.49 -32.33
CA ALA A 488 -17.00 0.58 -31.20
C ALA A 488 -16.91 1.26 -29.83
N GLY A 489 -17.96 1.12 -29.04
CA GLY A 489 -18.00 1.66 -27.68
C GLY A 489 -18.12 3.17 -27.57
N GLU A 490 -18.62 3.80 -28.63
CA GLU A 490 -18.95 5.21 -28.59
C GLU A 490 -19.86 5.54 -27.39
N GLU A 491 -20.82 4.66 -27.12
CA GLU A 491 -21.87 4.93 -26.13
C GLU A 491 -21.28 5.19 -24.74
N SER A 492 -20.19 4.49 -24.43
CA SER A 492 -19.46 4.68 -23.17
C SER A 492 -18.74 6.04 -23.13
N VAL A 493 -18.27 6.50 -24.29
CA VAL A 493 -17.69 7.84 -24.42
C VAL A 493 -18.77 8.91 -24.25
N MET A 494 -19.94 8.68 -24.82
CA MET A 494 -21.04 9.63 -24.69
C MET A 494 -21.50 9.67 -23.23
N ASN A 495 -21.61 8.48 -22.63
CA ASN A 495 -21.82 8.36 -21.21
C ASN A 495 -20.78 9.18 -20.43
N LEU A 496 -19.53 9.06 -20.85
CA LEU A 496 -18.44 9.83 -20.25
C LEU A 496 -18.72 11.32 -20.37
N ASP A 497 -18.92 11.78 -21.61
CA ASP A 497 -19.17 13.19 -21.89
C ASP A 497 -20.36 13.69 -21.10
N LYS A 498 -21.46 12.94 -21.15
CA LYS A 498 -22.67 13.28 -20.42
C LYS A 498 -22.36 13.58 -18.95
N LEU A 499 -21.62 12.68 -18.31
CA LEU A 499 -21.32 12.78 -16.86
C LEU A 499 -20.31 13.89 -16.51
N ARG A 500 -19.50 14.27 -17.49
CA ARG A 500 -18.44 15.27 -17.32
C ARG A 500 -19.06 16.68 -17.27
N PHE A 501 -19.96 16.96 -18.20
CA PHE A 501 -20.71 18.22 -18.23
C PHE A 501 -22.08 18.10 -17.52
N ALA A 502 -22.32 17.00 -16.82
CA ALA A 502 -23.65 16.73 -16.22
C ALA A 502 -24.09 17.80 -15.22
N ASN A 503 -25.24 18.41 -15.48
CA ASN A 503 -25.64 19.66 -14.83
C ASN A 503 -26.95 19.60 -14.01
N GLY A 504 -27.38 18.41 -13.60
CA GLY A 504 -28.67 18.23 -12.89
C GLY A 504 -28.78 18.86 -11.51
N THR A 505 -29.74 18.38 -10.71
CA THR A 505 -30.06 19.01 -9.41
C THR A 505 -29.43 18.33 -8.20
N ILE A 506 -29.14 17.03 -8.30
CA ILE A 506 -28.50 16.28 -7.20
C ILE A 506 -26.98 16.10 -7.41
N ARG A 507 -26.21 16.24 -6.34
CA ARG A 507 -24.77 16.02 -6.42
C ARG A 507 -24.50 14.52 -6.32
N THR A 508 -23.49 14.06 -7.04
CA THR A 508 -23.10 12.64 -7.00
C THR A 508 -23.04 12.15 -5.56
N SER A 509 -22.30 12.87 -4.72
CA SER A 509 -22.13 12.50 -3.31
C SER A 509 -23.42 12.19 -2.55
N GLU A 510 -24.45 12.98 -2.81
CA GLU A 510 -25.73 12.90 -2.09
C GLU A 510 -26.53 11.68 -2.51
N LEU A 511 -26.51 11.40 -3.81
CA LEU A 511 -27.18 10.24 -4.38
C LEU A 511 -26.54 8.94 -3.88
N ARG A 512 -25.22 8.88 -3.99
CA ARG A 512 -24.41 7.79 -3.41
C ARG A 512 -24.82 7.55 -1.96
N LEU A 513 -24.78 8.61 -1.16
CA LEU A 513 -25.16 8.51 0.24
C LEU A 513 -26.51 7.80 0.39
N SER A 514 -27.50 8.27 -0.35
CA SER A 514 -28.86 7.72 -0.31
C SER A 514 -28.91 6.25 -0.70
N MET A 515 -28.27 5.89 -1.82
CA MET A 515 -28.14 4.49 -2.24
C MET A 515 -27.63 3.66 -1.09
N GLN A 516 -26.56 4.14 -0.45
CA GLN A 516 -25.91 3.42 0.62
C GLN A 516 -26.82 3.24 1.84
N LYS A 517 -27.42 4.32 2.32
CA LYS A 517 -28.30 4.23 3.49
C LYS A 517 -29.54 3.38 3.18
N SER A 518 -30.02 3.47 1.94
CA SER A 518 -31.11 2.63 1.47
C SER A 518 -30.74 1.17 1.63
N MET A 519 -29.62 0.77 1.02
CA MET A 519 -29.20 -0.62 1.06
C MET A 519 -28.88 -1.06 2.49
N GLN A 520 -28.50 -0.11 3.34
CA GLN A 520 -28.22 -0.41 4.76
C GLN A 520 -29.48 -0.79 5.51
N SER A 521 -30.57 -0.06 5.28
CA SER A 521 -31.85 -0.31 5.93
C SER A 521 -32.47 -1.62 5.48
N HIS A 522 -32.58 -1.78 4.15
CA HIS A 522 -33.39 -2.81 3.52
C HIS A 522 -32.65 -4.11 3.17
N ALA A 523 -31.33 -4.05 2.96
CA ALA A 523 -30.56 -5.24 2.64
C ALA A 523 -29.57 -5.59 3.75
N ALA A 524 -29.98 -5.39 5.00
CA ALA A 524 -29.14 -5.71 6.16
C ALA A 524 -29.02 -7.24 6.33
N VAL A 525 -28.60 -7.64 7.53
CA VAL A 525 -28.43 -9.07 7.86
C VAL A 525 -29.77 -9.79 7.76
N PHE A 526 -30.77 -9.22 8.41
CA PHE A 526 -32.15 -9.70 8.29
C PHE A 526 -32.92 -8.79 7.35
N ARG A 527 -33.79 -9.39 6.55
CA ARG A 527 -34.60 -8.66 5.60
C ARG A 527 -35.89 -9.42 5.33
N VAL A 528 -36.95 -8.69 4.99
CA VAL A 528 -38.26 -9.27 4.76
C VAL A 528 -38.96 -8.57 3.60
N GLY A 529 -39.84 -9.31 2.92
CA GLY A 529 -40.56 -8.82 1.74
C GLY A 529 -40.99 -7.36 1.85
N SER A 530 -41.69 -7.03 2.93
CA SER A 530 -42.20 -5.68 3.17
C SER A 530 -41.10 -4.68 2.97
N VAL A 531 -40.08 -4.78 3.82
CA VAL A 531 -38.91 -3.92 3.77
C VAL A 531 -38.30 -3.98 2.36
N LEU A 532 -37.84 -5.16 1.96
CA LEU A 532 -37.23 -5.37 0.64
C LEU A 532 -38.05 -4.77 -0.52
N GLN A 533 -39.37 -4.95 -0.49
CA GLN A 533 -40.26 -4.35 -1.48
C GLN A 533 -40.07 -2.84 -1.54
N GLU A 534 -40.14 -2.21 -0.37
CA GLU A 534 -39.90 -0.77 -0.28
C GLU A 534 -38.51 -0.48 -0.83
N GLY A 535 -37.52 -1.18 -0.30
CA GLY A 535 -36.13 -1.02 -0.72
C GLY A 535 -35.97 -1.04 -2.22
N CYS A 536 -36.64 -1.99 -2.88
CA CYS A 536 -36.52 -2.14 -4.33
C CYS A 536 -36.90 -0.87 -5.08
N GLU A 537 -38.19 -0.56 -5.10
CA GLU A 537 -38.66 0.66 -5.79
C GLU A 537 -37.86 1.89 -5.34
N LYS A 538 -37.28 1.84 -4.14
CA LYS A 538 -36.43 2.90 -3.64
C LYS A 538 -35.15 3.02 -4.48
N ILE A 539 -34.47 1.90 -4.68
CA ILE A 539 -33.25 1.87 -5.53
C ILE A 539 -33.59 2.18 -6.99
N LEU A 540 -34.77 1.75 -7.44
CA LEU A 540 -35.25 2.01 -8.81
C LEU A 540 -35.45 3.50 -9.10
N ARG A 541 -35.92 4.25 -8.11
CA ARG A 541 -36.16 5.68 -8.29
C ARG A 541 -34.84 6.44 -8.33
N LEU A 542 -33.87 5.97 -7.55
CA LEU A 542 -32.54 6.57 -7.54
C LEU A 542 -31.81 6.33 -8.87
N TYR A 543 -32.12 5.21 -9.51
CA TYR A 543 -31.62 4.94 -10.85
C TYR A 543 -32.26 5.91 -11.86
N GLY A 544 -33.50 6.32 -11.58
CA GLY A 544 -34.16 7.36 -12.37
C GLY A 544 -33.47 8.70 -12.19
N ASP A 545 -33.05 8.97 -10.96
CA ASP A 545 -32.40 10.24 -10.60
C ASP A 545 -31.02 10.42 -11.24
N LEU A 546 -30.59 9.48 -12.06
CA LEU A 546 -29.31 9.62 -12.77
C LEU A 546 -29.36 10.70 -13.83
N GLN A 547 -30.55 11.15 -14.22
CA GLN A 547 -30.67 12.32 -15.09
C GLN A 547 -30.40 13.58 -14.25
N HIS A 548 -30.88 13.56 -13.01
CA HIS A 548 -30.80 14.72 -12.14
C HIS A 548 -29.49 14.78 -11.35
N LEU A 549 -28.33 14.65 -11.99
CA LEU A 549 -27.10 14.73 -11.19
C LEU A 549 -26.09 15.80 -11.62
N LYS A 550 -25.79 16.68 -10.66
CA LYS A 550 -24.83 17.74 -10.87
C LYS A 550 -23.44 17.13 -10.74
N THR A 551 -22.66 17.32 -11.79
CA THR A 551 -21.23 17.14 -11.74
C THR A 551 -20.66 18.57 -11.81
N PHE A 552 -19.64 18.87 -11.00
CA PHE A 552 -19.04 20.21 -10.93
C PHE A 552 -17.73 20.33 -11.69
N ASP A 553 -16.76 19.51 -11.33
CA ASP A 553 -15.46 19.50 -12.04
C ASP A 553 -15.67 19.24 -13.53
N ARG A 554 -14.92 19.96 -14.36
CA ARG A 554 -15.05 19.83 -15.82
C ARG A 554 -13.71 19.60 -16.56
N GLY A 555 -12.65 19.27 -15.83
CA GLY A 555 -11.33 19.04 -16.42
C GLY A 555 -11.19 17.68 -17.08
N MET A 556 -10.13 17.52 -17.86
CA MET A 556 -9.76 16.22 -18.43
C MET A 556 -8.83 15.46 -17.50
N VAL A 557 -7.87 16.19 -16.93
CA VAL A 557 -6.85 15.61 -16.06
C VAL A 557 -7.43 15.30 -14.67
N TRP A 558 -7.36 14.03 -14.29
CA TRP A 558 -7.66 13.59 -12.92
C TRP A 558 -8.97 14.15 -12.37
N ASN A 559 -10.02 13.98 -13.17
CA ASN A 559 -11.35 14.37 -12.73
C ASN A 559 -11.95 13.26 -11.89
N THR A 560 -11.64 13.24 -10.59
CA THR A 560 -12.22 12.26 -9.69
C THR A 560 -13.74 12.43 -9.53
N ASP A 561 -14.22 13.66 -9.71
CA ASP A 561 -15.66 13.98 -9.61
C ASP A 561 -16.48 13.18 -10.61
N LEU A 562 -16.00 13.13 -11.85
CA LEU A 562 -16.59 12.34 -12.91
C LEU A 562 -16.39 10.83 -12.71
N VAL A 563 -15.21 10.41 -12.24
CA VAL A 563 -14.95 8.96 -12.08
C VAL A 563 -15.62 8.38 -10.85
N GLU A 564 -15.73 9.15 -9.77
CA GLU A 564 -16.53 8.70 -8.65
C GLU A 564 -17.99 8.64 -9.09
N THR A 565 -18.35 9.51 -10.04
CA THR A 565 -19.68 9.52 -10.65
C THR A 565 -19.88 8.25 -11.47
N LEU A 566 -19.02 8.00 -12.46
CA LEU A 566 -19.00 6.71 -13.14
C LEU A 566 -19.15 5.56 -12.14
N GLU A 567 -18.27 5.56 -11.13
CA GLU A 567 -18.29 4.58 -10.03
C GLU A 567 -19.71 4.39 -9.48
N LEU A 568 -20.49 5.48 -9.43
CA LEU A 568 -21.89 5.44 -8.97
C LEU A 568 -22.84 4.75 -9.95
N GLN A 569 -22.71 5.02 -11.25
CA GLN A 569 -23.49 4.26 -12.22
C GLN A 569 -23.26 2.79 -11.92
N ASN A 570 -21.98 2.40 -11.89
CA ASN A 570 -21.59 1.02 -11.65
C ASN A 570 -22.14 0.46 -10.32
N LEU A 571 -22.15 1.30 -9.29
CA LEU A 571 -22.62 0.90 -7.96
C LEU A 571 -24.14 0.73 -7.87
N MET A 572 -24.88 1.50 -8.68
CA MET A 572 -26.35 1.38 -8.75
C MET A 572 -26.72 0.05 -9.39
N LEU A 573 -26.33 -0.10 -10.66
CA LEU A 573 -26.48 -1.34 -11.37
C LEU A 573 -26.25 -2.51 -10.43
N CYS A 574 -25.17 -2.44 -9.66
CA CYS A 574 -24.89 -3.51 -8.71
C CYS A 574 -25.94 -3.58 -7.61
N ALA A 575 -26.28 -2.43 -7.03
CA ALA A 575 -27.27 -2.34 -5.94
C ALA A 575 -28.67 -2.82 -6.36
N LEU A 576 -29.07 -2.39 -7.54
CA LEU A 576 -30.31 -2.82 -8.14
C LEU A 576 -30.44 -4.35 -8.14
N GLN A 577 -29.47 -5.01 -8.77
CA GLN A 577 -29.48 -6.47 -8.91
C GLN A 577 -29.34 -7.19 -7.55
N THR A 578 -28.68 -6.54 -6.60
CA THR A 578 -28.51 -7.11 -5.28
C THR A 578 -29.85 -7.23 -4.56
N ILE A 579 -30.58 -6.11 -4.51
CA ILE A 579 -31.82 -6.01 -3.70
C ILE A 579 -33.03 -6.75 -4.27
N TYR A 580 -33.21 -6.68 -5.59
CA TYR A 580 -34.31 -7.38 -6.25
C TYR A 580 -34.11 -8.86 -6.06
N GLY A 581 -32.93 -9.34 -6.46
CA GLY A 581 -32.56 -10.74 -6.32
C GLY A 581 -32.90 -11.24 -4.94
N ALA A 582 -32.51 -10.44 -3.94
CA ALA A 582 -32.80 -10.75 -2.52
C ALA A 582 -34.29 -10.86 -2.23
N GLU A 583 -35.10 -9.95 -2.77
CA GLU A 583 -36.54 -9.90 -2.45
C GLU A 583 -37.29 -11.11 -3.03
N ALA A 584 -36.84 -11.59 -4.19
CA ALA A 584 -37.45 -12.75 -4.84
C ALA A 584 -37.07 -14.05 -4.15
N ARG A 585 -35.86 -14.10 -3.59
CA ARG A 585 -35.37 -15.31 -2.92
C ARG A 585 -36.05 -15.47 -1.58
N LYS A 586 -36.76 -16.58 -1.42
CA LYS A 586 -37.59 -16.80 -0.25
C LYS A 586 -37.11 -18.01 0.51
N GLU A 587 -35.96 -17.84 1.17
CA GLU A 587 -35.38 -18.86 2.04
C GLU A 587 -34.27 -18.27 2.91
N SER A 588 -33.88 -19.01 3.94
CA SER A 588 -32.68 -18.69 4.73
C SER A 588 -31.51 -19.59 4.30
N ARG A 589 -30.79 -19.18 3.25
CA ARG A 589 -29.55 -19.85 2.86
C ARG A 589 -28.36 -18.95 3.14
N GLY A 590 -27.42 -19.48 3.93
CA GLY A 590 -26.14 -18.82 4.14
C GLY A 590 -26.30 -17.44 4.72
N ALA A 591 -25.83 -16.44 3.98
CA ALA A 591 -25.93 -15.03 4.41
C ALA A 591 -27.31 -14.44 4.15
N HIS A 592 -28.08 -15.06 3.26
CA HIS A 592 -29.42 -14.57 2.96
C HIS A 592 -30.38 -15.19 3.94
N ALA A 593 -30.89 -14.39 4.88
CA ALA A 593 -31.86 -14.85 5.88
C ALA A 593 -33.14 -14.02 5.79
N ARG A 594 -34.21 -14.68 5.35
CA ARG A 594 -35.55 -14.10 5.34
C ARG A 594 -36.27 -14.49 6.62
N GLU A 595 -36.76 -13.50 7.36
CA GLU A 595 -37.53 -13.76 8.58
C GLU A 595 -38.90 -14.36 8.22
N ASP A 596 -39.43 -13.99 7.07
CA ASP A 596 -40.70 -14.51 6.55
C ASP A 596 -40.59 -15.88 5.85
N PHE A 597 -39.35 -16.33 5.60
CA PHE A 597 -39.09 -17.67 5.04
C PHE A 597 -37.80 -18.20 5.65
N LYS A 598 -37.85 -18.49 6.93
CA LYS A 598 -36.65 -18.90 7.66
C LYS A 598 -36.19 -20.33 7.38
N GLU A 599 -36.96 -21.06 6.56
CA GLU A 599 -36.63 -22.44 6.20
C GLU A 599 -35.63 -22.47 5.05
N ARG A 600 -34.73 -23.45 5.08
CA ARG A 600 -33.77 -23.67 3.99
C ARG A 600 -34.46 -24.53 2.93
N VAL A 601 -34.62 -24.01 1.72
CA VAL A 601 -35.51 -24.61 0.71
C VAL A 601 -34.75 -25.34 -0.41
N ASP A 602 -34.61 -26.65 -0.25
CA ASP A 602 -33.88 -27.50 -1.19
C ASP A 602 -34.84 -28.27 -2.11
N GLU A 603 -34.33 -29.22 -2.88
CA GLU A 603 -35.15 -30.04 -3.77
C GLU A 603 -35.80 -31.17 -2.97
N TYR A 604 -35.04 -31.72 -2.03
CA TYR A 604 -35.58 -32.64 -1.04
C TYR A 604 -35.49 -31.95 0.32
N ASP A 605 -36.34 -32.38 1.24
CA ASP A 605 -36.16 -32.09 2.64
C ASP A 605 -35.03 -32.99 3.14
N TYR A 606 -33.84 -32.45 3.17
CA TYR A 606 -32.67 -33.22 3.51
C TYR A 606 -32.62 -33.52 4.97
N SER A 607 -33.49 -32.91 5.75
CA SER A 607 -33.53 -33.26 7.14
C SER A 607 -33.90 -34.70 7.21
N LYS A 608 -34.90 -35.07 6.44
CA LYS A 608 -35.33 -36.45 6.37
C LYS A 608 -34.45 -37.22 5.42
N PRO A 609 -34.29 -38.49 5.67
CA PRO A 609 -33.52 -39.34 4.79
C PRO A 609 -34.31 -39.30 3.53
N ILE A 610 -33.69 -39.49 2.37
CA ILE A 610 -34.38 -39.20 1.15
C ILE A 610 -35.05 -40.44 0.63
N GLN A 611 -34.58 -41.00 -0.46
CA GLN A 611 -35.21 -42.21 -0.91
C GLN A 611 -36.63 -41.91 -1.32
N GLY A 612 -37.58 -42.50 -0.62
CA GLY A 612 -38.95 -42.39 -1.06
C GLY A 612 -39.38 -41.02 -0.64
N GLN A 613 -38.91 -40.06 -1.42
CA GLN A 613 -39.23 -38.67 -1.27
C GLN A 613 -39.58 -38.20 -2.65
N GLN A 614 -40.53 -37.27 -2.77
CA GLN A 614 -40.88 -36.72 -4.07
C GLN A 614 -40.11 -35.44 -4.35
N LYS A 615 -39.16 -35.54 -5.30
CA LYS A 615 -38.26 -34.44 -5.64
C LYS A 615 -39.05 -33.24 -6.18
N LYS A 616 -38.63 -32.03 -5.80
CA LYS A 616 -39.30 -30.81 -6.27
C LYS A 616 -38.83 -30.41 -7.67
N PRO A 617 -39.74 -29.91 -8.52
CA PRO A 617 -39.34 -29.43 -9.84
C PRO A 617 -38.47 -28.17 -9.77
N PHE A 618 -37.55 -28.03 -10.72
CA PHE A 618 -36.51 -27.00 -10.65
C PHE A 618 -37.04 -25.62 -10.27
N GLN A 619 -38.20 -25.23 -10.80
CA GLN A 619 -38.75 -23.89 -10.51
C GLN A 619 -39.60 -23.83 -9.25
N GLU A 620 -39.49 -24.81 -8.37
CA GLU A 620 -40.25 -24.82 -7.13
C GLU A 620 -39.40 -24.84 -5.86
N HIS A 621 -38.09 -25.04 -6.00
CA HIS A 621 -37.16 -24.91 -4.85
C HIS A 621 -36.14 -23.80 -5.11
N TRP A 622 -35.33 -23.49 -4.09
CA TRP A 622 -34.42 -22.35 -4.15
C TRP A 622 -32.94 -22.71 -4.18
N ARG A 623 -32.60 -24.00 -4.24
CA ARG A 623 -31.20 -24.41 -4.41
C ARG A 623 -30.74 -24.25 -5.85
N LYS A 624 -30.56 -22.99 -6.26
CA LYS A 624 -30.19 -22.63 -7.62
C LYS A 624 -29.65 -21.20 -7.65
N HIS A 625 -28.84 -20.90 -8.66
CA HIS A 625 -28.18 -19.61 -8.72
C HIS A 625 -29.09 -18.53 -9.28
N THR A 626 -29.26 -17.47 -8.51
CA THR A 626 -29.94 -16.27 -8.99
C THR A 626 -29.16 -15.62 -10.14
N LEU A 627 -29.76 -15.53 -11.31
CA LEU A 627 -29.12 -14.88 -12.46
C LEU A 627 -29.78 -13.54 -12.79
N SER A 628 -29.24 -12.45 -12.27
CA SER A 628 -29.81 -11.12 -12.50
C SER A 628 -29.27 -10.42 -13.77
N TYR A 629 -30.19 -9.81 -14.52
CA TYR A 629 -29.88 -8.86 -15.58
C TYR A 629 -30.53 -7.54 -15.18
N VAL A 630 -30.25 -6.50 -15.95
CA VAL A 630 -31.03 -5.26 -15.87
C VAL A 630 -31.00 -4.54 -17.22
N ASP A 631 -32.16 -4.09 -17.68
CA ASP A 631 -32.22 -3.24 -18.87
C ASP A 631 -31.67 -1.87 -18.48
N VAL A 632 -30.60 -1.47 -19.14
CA VAL A 632 -29.90 -0.24 -18.82
C VAL A 632 -30.88 0.92 -18.64
N LYS A 633 -31.69 1.20 -19.66
CA LYS A 633 -32.44 2.46 -19.70
C LYS A 633 -33.46 2.58 -18.57
N THR A 634 -34.39 1.62 -18.51
CA THR A 634 -35.41 1.63 -17.49
C THR A 634 -34.87 1.39 -16.09
N GLY A 635 -33.67 0.82 -16.00
CA GLY A 635 -33.18 0.34 -14.72
C GLY A 635 -34.19 -0.65 -14.20
N LYS A 636 -34.48 -1.67 -15.01
CA LYS A 636 -35.48 -2.68 -14.69
C LYS A 636 -34.80 -4.03 -14.58
N VAL A 637 -34.92 -4.67 -13.42
CA VAL A 637 -34.27 -5.96 -13.21
C VAL A 637 -35.14 -7.13 -13.70
N SER A 638 -34.60 -7.92 -14.62
CA SER A 638 -35.14 -9.24 -14.94
C SER A 638 -34.16 -10.28 -14.41
N LEU A 639 -34.65 -11.48 -14.10
CA LEU A 639 -33.78 -12.51 -13.51
C LEU A 639 -34.31 -13.93 -13.67
N GLU A 640 -33.41 -14.85 -14.02
CA GLU A 640 -33.75 -16.25 -14.21
C GLU A 640 -32.98 -17.04 -13.15
N TYR A 641 -32.83 -18.35 -13.36
CA TYR A 641 -32.04 -19.20 -12.47
C TYR A 641 -31.29 -20.29 -13.21
N ARG A 642 -30.24 -20.80 -12.57
CA ARG A 642 -29.47 -21.89 -13.12
C ARG A 642 -28.92 -22.76 -12.00
N PRO A 643 -28.78 -24.06 -12.28
CA PRO A 643 -28.58 -25.03 -11.21
C PRO A 643 -27.18 -24.97 -10.62
N VAL A 644 -27.07 -25.29 -9.33
CA VAL A 644 -25.76 -25.42 -8.69
C VAL A 644 -25.19 -26.74 -9.18
N ILE A 645 -23.87 -26.80 -9.24
CA ILE A 645 -23.20 -28.00 -9.70
C ILE A 645 -22.77 -28.79 -8.47
N ASP A 646 -23.17 -30.07 -8.41
CA ASP A 646 -22.89 -30.91 -7.25
C ASP A 646 -21.85 -31.98 -7.54
N LYS A 647 -21.80 -32.41 -8.80
CA LYS A 647 -20.76 -33.33 -9.25
C LYS A 647 -19.41 -32.66 -9.03
N THR A 648 -18.39 -33.45 -8.69
CA THR A 648 -17.02 -32.93 -8.59
C THR A 648 -16.29 -33.24 -9.91
N LEU A 649 -14.99 -32.95 -9.96
CA LEU A 649 -14.19 -33.25 -11.15
C LEU A 649 -13.80 -34.73 -11.24
N ASN A 650 -13.85 -35.42 -10.09
CA ASN A 650 -13.61 -36.87 -10.02
C ASN A 650 -14.10 -37.46 -8.70
N GLU A 651 -15.16 -38.27 -8.79
CA GLU A 651 -15.85 -38.83 -7.62
C GLU A 651 -14.93 -39.74 -6.79
N ALA A 652 -14.00 -40.41 -7.48
CA ALA A 652 -13.06 -41.35 -6.85
C ALA A 652 -12.01 -40.63 -6.00
N ASP A 653 -11.70 -39.40 -6.38
CA ASP A 653 -10.72 -38.61 -5.65
C ASP A 653 -11.40 -37.73 -4.62
N CYS A 654 -12.56 -37.19 -4.95
CA CYS A 654 -13.29 -36.29 -4.08
C CYS A 654 -14.81 -36.57 -4.19
N ALA A 655 -15.45 -36.77 -3.05
CA ALA A 655 -16.86 -37.23 -3.03
C ALA A 655 -17.83 -36.05 -3.09
N THR A 656 -18.75 -36.06 -4.05
CA THR A 656 -19.85 -35.09 -4.06
C THR A 656 -20.50 -35.14 -2.69
N VAL A 657 -20.29 -34.11 -1.89
CA VAL A 657 -20.90 -34.05 -0.57
C VAL A 657 -22.34 -33.62 -0.77
N PRO A 658 -23.30 -34.50 -0.45
CA PRO A 658 -24.70 -34.15 -0.66
C PRO A 658 -25.21 -33.15 0.37
N PRO A 659 -26.33 -32.47 0.09
CA PRO A 659 -26.86 -31.52 1.05
C PRO A 659 -27.18 -32.15 2.40
N ALA A 660 -27.25 -31.32 3.44
CA ALA A 660 -27.41 -31.79 4.81
C ALA A 660 -27.92 -30.65 5.70
N ILE A 661 -28.03 -30.91 7.00
CA ILE A 661 -28.50 -29.92 7.94
C ILE A 661 -27.43 -28.84 8.14
N ARG A 662 -27.88 -27.60 8.31
CA ARG A 662 -27.03 -26.41 8.38
C ARG A 662 -26.95 -25.88 9.82
N SER A 663 -25.85 -26.16 10.52
CA SER A 663 -25.57 -25.54 11.83
C SER A 663 -24.21 -25.96 12.40
N TYR A 664 -23.48 -24.96 12.91
CA TYR A 664 -22.12 -25.13 13.44
C TYR A 664 -22.14 -25.08 14.97
N PRO B 37 -22.01 24.20 17.18
CA PRO B 37 -21.13 24.10 16.02
C PRO B 37 -19.64 24.11 16.40
N ARG B 38 -18.77 23.96 15.40
CA ARG B 38 -17.31 23.96 15.58
C ARG B 38 -16.60 24.02 14.22
N ILE B 39 -16.29 25.23 13.76
CA ILE B 39 -15.56 25.40 12.50
C ILE B 39 -14.06 25.22 12.73
N LYS B 40 -13.45 24.42 11.85
CA LYS B 40 -12.02 24.29 11.73
C LYS B 40 -11.68 24.69 10.29
N LYS B 41 -10.55 25.38 10.12
CA LYS B 41 -10.15 25.87 8.80
C LYS B 41 -9.09 24.97 8.18
N PHE B 42 -9.23 24.68 6.89
CA PHE B 42 -8.26 23.89 6.15
C PHE B 42 -7.72 24.71 4.99
N ALA B 43 -6.40 24.91 4.97
CA ALA B 43 -5.75 25.69 3.93
C ALA B 43 -5.04 24.74 2.99
N ILE B 44 -5.55 24.60 1.76
CA ILE B 44 -5.16 23.47 0.93
C ILE B 44 -4.61 23.87 -0.44
N TYR B 45 -3.47 23.29 -0.81
CA TYR B 45 -2.79 23.57 -2.09
C TYR B 45 -3.67 23.18 -3.26
N ARG B 46 -3.66 23.98 -4.33
CA ARG B 46 -4.47 23.68 -5.51
C ARG B 46 -3.72 23.92 -6.82
N TRP B 47 -4.02 23.15 -7.84
CA TRP B 47 -3.55 23.45 -9.19
C TRP B 47 -4.33 22.67 -10.25
N ASP B 48 -4.80 23.38 -11.26
CA ASP B 48 -5.57 22.81 -12.36
C ASP B 48 -4.75 22.96 -13.65
N PRO B 49 -4.44 21.83 -14.32
CA PRO B 49 -3.77 21.91 -15.62
C PRO B 49 -4.71 22.21 -16.77
N ASP B 50 -6.03 22.21 -16.51
CA ASP B 50 -7.07 22.51 -17.50
C ASP B 50 -7.74 23.85 -17.22
N LYS B 51 -6.92 24.86 -16.90
CA LYS B 51 -7.41 26.22 -16.67
C LYS B 51 -6.25 27.18 -16.93
N THR B 52 -5.98 27.44 -18.21
CA THR B 52 -4.80 28.22 -18.62
C THR B 52 -4.62 29.49 -17.80
N GLY B 53 -3.37 29.81 -17.48
CA GLY B 53 -3.06 30.97 -16.66
C GLY B 53 -3.34 30.76 -15.19
N ASP B 54 -3.49 29.50 -14.79
CA ASP B 54 -3.56 29.16 -13.38
C ASP B 54 -2.16 28.78 -12.97
N LYS B 55 -1.89 29.01 -11.69
CA LYS B 55 -0.60 28.72 -11.12
C LYS B 55 -0.78 28.41 -9.64
N PRO B 56 0.15 27.65 -9.04
CA PRO B 56 -0.04 27.07 -7.72
C PRO B 56 -0.56 28.06 -6.68
N HIS B 57 -1.81 27.89 -6.27
CA HIS B 57 -2.37 28.69 -5.19
C HIS B 57 -3.04 27.82 -4.12
N MET B 58 -3.25 28.42 -2.95
CA MET B 58 -3.90 27.77 -1.84
C MET B 58 -5.36 28.18 -1.80
N GLN B 59 -6.19 27.33 -1.21
CA GLN B 59 -7.60 27.65 -1.00
C GLN B 59 -8.00 27.14 0.38
N THR B 60 -8.80 27.93 1.10
CA THR B 60 -9.22 27.57 2.44
C THR B 60 -10.61 26.95 2.42
N TYR B 61 -10.88 26.08 3.39
CA TYR B 61 -12.21 25.51 3.60
C TYR B 61 -12.51 25.49 5.08
N GLU B 62 -13.78 25.35 5.42
CA GLU B 62 -14.28 25.50 6.80
C GLU B 62 -15.25 24.35 7.10
N ILE B 63 -15.06 23.66 8.21
CA ILE B 63 -15.74 22.38 8.43
C ILE B 63 -16.25 22.23 9.86
N ASP B 64 -17.56 22.04 10.00
CA ASP B 64 -18.14 21.74 11.29
C ASP B 64 -17.64 20.35 11.69
N LEU B 65 -16.76 20.29 12.69
CA LEU B 65 -16.13 19.03 13.09
C LEU B 65 -17.06 18.09 13.85
N ASN B 66 -18.23 18.57 14.25
CA ASN B 66 -19.23 17.71 14.87
C ASN B 66 -19.82 16.72 13.86
N ASN B 67 -19.79 17.11 12.58
CA ASN B 67 -20.34 16.32 11.48
C ASN B 67 -19.24 15.75 10.58
N CYS B 68 -18.14 15.30 11.18
CA CYS B 68 -16.98 14.86 10.41
C CYS B 68 -16.10 13.91 11.22
N GLY B 69 -15.62 12.86 10.56
CA GLY B 69 -14.76 11.89 11.20
C GLY B 69 -13.47 12.54 11.67
N PRO B 70 -12.76 11.85 12.56
CA PRO B 70 -11.60 12.45 13.19
C PRO B 70 -10.41 12.70 12.25
N MET B 71 -10.29 11.91 11.18
CA MET B 71 -9.08 11.93 10.34
C MET B 71 -9.13 12.98 9.25
N VAL B 72 -7.94 13.40 8.82
CA VAL B 72 -7.83 14.51 7.88
C VAL B 72 -8.48 14.14 6.56
N LEU B 73 -8.31 12.90 6.13
CA LEU B 73 -8.96 12.45 4.89
C LEU B 73 -10.47 12.68 4.99
N ASP B 74 -11.07 12.26 6.11
CA ASP B 74 -12.50 12.50 6.35
C ASP B 74 -12.86 13.93 5.93
N ALA B 75 -12.03 14.89 6.31
CA ALA B 75 -12.23 16.28 5.93
C ALA B 75 -12.17 16.46 4.41
N LEU B 76 -11.01 16.20 3.83
CA LEU B 76 -10.81 16.33 2.39
C LEU B 76 -11.94 15.67 1.58
N ILE B 77 -12.43 14.53 2.05
CA ILE B 77 -13.60 13.88 1.50
C ILE B 77 -14.85 14.75 1.73
N LYS B 78 -15.07 15.13 2.99
CA LYS B 78 -16.25 15.91 3.35
C LYS B 78 -16.32 17.20 2.56
N ILE B 79 -15.16 17.78 2.22
CA ILE B 79 -15.14 19.03 1.44
C ILE B 79 -15.37 18.70 -0.02
N LYS B 80 -14.86 17.56 -0.47
CA LYS B 80 -15.09 17.12 -1.84
C LYS B 80 -16.58 16.95 -2.10
N ASN B 81 -17.24 16.20 -1.22
CA ASN B 81 -18.64 15.80 -1.39
C ASN B 81 -19.66 16.91 -1.12
N GLU B 82 -19.39 17.76 -0.13
CA GLU B 82 -20.33 18.79 0.28
C GLU B 82 -19.97 20.15 -0.32
N ILE B 83 -18.72 20.57 -0.11
CA ILE B 83 -18.27 21.91 -0.51
C ILE B 83 -17.80 21.95 -1.98
N ASP B 84 -16.51 21.68 -2.22
CA ASP B 84 -15.95 21.77 -3.56
C ASP B 84 -15.69 20.38 -4.13
N SER B 85 -16.31 20.12 -5.28
CA SER B 85 -16.19 18.84 -5.98
C SER B 85 -15.16 18.95 -7.11
N THR B 86 -14.21 19.88 -6.99
CA THR B 86 -13.05 19.94 -7.88
C THR B 86 -11.85 19.28 -7.21
N LEU B 87 -11.71 19.52 -5.90
CA LEU B 87 -10.56 19.06 -5.17
C LEU B 87 -10.23 17.64 -5.54
N THR B 88 -8.99 17.42 -5.95
CA THR B 88 -8.55 16.13 -6.47
C THR B 88 -7.45 15.53 -5.59
N PHE B 89 -7.68 14.31 -5.11
CA PHE B 89 -6.71 13.64 -4.24
C PHE B 89 -6.87 12.13 -4.28
N ARG B 90 -5.81 11.42 -3.89
CA ARG B 90 -5.77 9.97 -3.95
C ARG B 90 -6.19 9.35 -2.62
N ARG B 91 -6.95 8.26 -2.68
CA ARG B 91 -7.38 7.56 -1.46
C ARG B 91 -7.93 6.18 -1.76
N SER B 92 -7.90 5.28 -0.78
CA SER B 92 -8.56 3.96 -0.91
C SER B 92 -8.87 3.30 0.45
N CYS B 93 -7.85 2.77 1.12
CA CYS B 93 -8.06 1.94 2.30
C CYS B 93 -8.74 2.66 3.46
N ARG B 94 -8.62 3.98 3.52
CA ARG B 94 -9.01 4.80 4.69
C ARG B 94 -8.60 4.19 6.04
N GLU B 95 -7.66 3.25 5.99
CA GLU B 95 -7.28 2.38 7.10
C GLU B 95 -5.75 2.47 7.38
N GLY B 96 -5.08 3.36 6.62
CA GLY B 96 -3.65 3.61 6.71
C GLY B 96 -2.76 2.45 6.36
N ILE B 97 -3.14 1.69 5.35
CA ILE B 97 -2.42 0.44 5.04
C ILE B 97 -2.20 0.19 3.54
N CYS B 98 -2.35 1.23 2.72
CA CYS B 98 -2.29 1.10 1.26
C CYS B 98 -1.38 2.15 0.60
N GLY B 99 -1.37 3.36 1.15
CA GLY B 99 -0.40 4.40 0.74
C GLY B 99 -0.90 5.36 -0.32
N SER B 100 -2.22 5.46 -0.46
CA SER B 100 -2.83 6.20 -1.55
C SER B 100 -2.86 7.68 -1.23
N CYS B 101 -3.20 8.02 0.02
CA CYS B 101 -3.44 9.40 0.43
C CYS B 101 -2.24 10.10 1.10
N ALA B 102 -1.03 9.71 0.69
CA ALA B 102 0.17 10.32 1.24
C ALA B 102 0.24 11.78 0.83
N MET B 103 0.48 12.66 1.80
CA MET B 103 0.60 14.09 1.51
C MET B 103 1.21 14.85 2.69
N ASN B 104 1.60 16.10 2.43
CA ASN B 104 2.18 16.96 3.47
C ASN B 104 1.08 17.74 4.19
N ILE B 105 0.74 17.27 5.39
CA ILE B 105 -0.26 17.90 6.24
C ILE B 105 0.50 18.63 7.35
N ASN B 106 0.46 19.97 7.33
CA ASN B 106 1.11 20.78 8.37
C ASN B 106 2.60 20.51 8.50
N GLY B 107 3.27 20.47 7.35
CA GLY B 107 4.72 20.39 7.26
C GLY B 107 5.36 19.05 7.57
N GLY B 108 4.57 17.98 7.48
CA GLY B 108 5.08 16.63 7.74
C GLY B 108 4.34 15.66 6.84
N ASN B 109 5.08 14.75 6.20
CA ASN B 109 4.49 13.81 5.25
C ASN B 109 3.86 12.62 5.96
N THR B 110 2.52 12.52 5.95
CA THR B 110 1.82 11.31 6.43
C THR B 110 0.57 10.99 5.62
N LEU B 111 -0.09 9.92 6.04
CA LEU B 111 -1.36 9.50 5.48
C LEU B 111 -2.49 10.29 6.13
N ALA B 112 -3.33 10.90 5.29
CA ALA B 112 -4.44 11.71 5.77
C ALA B 112 -5.53 10.87 6.47
N CYS B 113 -5.56 9.58 6.20
CA CYS B 113 -6.53 8.67 6.83
C CYS B 113 -6.09 8.21 8.22
N THR B 114 -4.94 8.67 8.69
CA THR B 114 -4.39 8.27 9.99
C THR B 114 -4.12 9.46 10.93
N ARG B 115 -3.72 10.59 10.35
CA ARG B 115 -3.62 11.84 11.08
C ARG B 115 -5.00 12.35 11.43
N ARG B 116 -5.31 12.36 12.73
CA ARG B 116 -6.55 12.95 13.20
C ARG B 116 -6.44 14.48 13.16
N ILE B 117 -7.55 15.13 12.84
CA ILE B 117 -7.56 16.57 12.64
C ILE B 117 -7.26 17.24 13.97
N ASP B 118 -6.60 18.39 13.91
CA ASP B 118 -6.28 19.17 15.10
C ASP B 118 -7.55 19.85 15.66
N THR B 119 -8.04 19.31 16.78
CA THR B 119 -9.32 19.74 17.39
C THR B 119 -9.27 21.21 17.80
N ASN B 120 -8.06 21.68 18.13
CA ASN B 120 -7.79 23.09 18.35
C ASN B 120 -8.10 23.91 17.09
N LEU B 121 -8.88 24.98 17.25
CA LEU B 121 -9.42 25.72 16.12
C LEU B 121 -8.64 26.99 15.79
N ASP B 122 -7.91 27.54 16.76
CA ASP B 122 -7.06 28.70 16.51
C ASP B 122 -6.06 28.42 15.39
N LYS B 123 -5.64 27.15 15.32
CA LYS B 123 -4.76 26.67 14.24
C LYS B 123 -5.56 26.31 13.00
N VAL B 124 -4.93 26.51 11.85
CA VAL B 124 -5.53 26.25 10.55
C VAL B 124 -4.69 25.17 9.85
N SER B 125 -5.19 23.93 9.85
CA SER B 125 -4.54 22.81 9.15
C SER B 125 -4.19 23.17 7.69
N LYS B 126 -2.89 23.24 7.42
CA LYS B 126 -2.39 23.47 6.08
C LYS B 126 -2.11 22.11 5.43
N ILE B 127 -2.49 21.97 4.16
CA ILE B 127 -2.26 20.76 3.41
C ILE B 127 -1.60 21.09 2.11
N TYR B 128 -0.47 20.43 1.85
CA TYR B 128 0.22 20.51 0.58
C TYR B 128 0.40 19.10 0.05
N PRO B 129 0.77 18.97 -1.23
CA PRO B 129 1.19 17.66 -1.71
C PRO B 129 2.57 17.30 -1.18
N LEU B 130 3.02 16.09 -1.51
CA LEU B 130 4.33 15.62 -1.13
C LEU B 130 5.39 16.50 -1.77
N PRO B 131 6.46 16.82 -1.02
CA PRO B 131 7.46 17.81 -1.42
C PRO B 131 8.29 17.49 -2.67
N HIS B 132 8.54 18.51 -3.48
CA HIS B 132 9.48 18.44 -4.61
C HIS B 132 9.10 17.34 -5.61
N MET B 133 7.81 17.11 -5.74
CA MET B 133 7.30 16.18 -6.74
C MET B 133 6.50 16.97 -7.75
N TYR B 134 6.64 16.65 -9.03
CA TYR B 134 5.87 17.29 -10.09
C TYR B 134 4.40 17.01 -9.84
N VAL B 135 3.62 18.06 -9.60
CA VAL B 135 2.21 17.91 -9.30
C VAL B 135 1.43 17.72 -10.61
N ILE B 136 0.68 16.64 -10.70
CA ILE B 136 -0.17 16.38 -11.86
C ILE B 136 -1.41 17.27 -11.77
N LYS B 137 -1.95 17.38 -10.56
CA LYS B 137 -3.08 18.26 -10.27
C LYS B 137 -3.31 18.24 -8.77
N ASP B 138 -3.71 19.40 -8.22
CA ASP B 138 -3.99 19.53 -6.78
C ASP B 138 -3.00 18.78 -5.87
N LEU B 139 -3.46 17.73 -5.19
CA LEU B 139 -2.62 17.01 -4.24
C LEU B 139 -2.17 15.69 -4.86
N VAL B 140 -2.11 15.63 -6.18
CA VAL B 140 -1.82 14.38 -6.85
C VAL B 140 -0.48 14.47 -7.57
N PRO B 141 0.58 14.02 -6.88
CA PRO B 141 1.93 14.06 -7.37
C PRO B 141 2.29 12.82 -8.16
N ASP B 142 3.27 12.96 -9.03
CA ASP B 142 3.65 11.92 -9.96
C ASP B 142 4.72 11.00 -9.37
N LEU B 143 4.34 9.75 -9.17
CA LEU B 143 5.21 8.78 -8.49
C LEU B 143 5.92 7.86 -9.45
N SER B 144 5.56 7.88 -10.74
CA SER B 144 6.10 6.92 -11.72
C SER B 144 7.61 6.67 -11.54
N ASN B 145 8.36 7.75 -11.35
CA ASN B 145 9.78 7.63 -11.07
C ASN B 145 10.03 6.84 -9.78
N PHE B 146 9.33 7.23 -8.72
CA PHE B 146 9.38 6.53 -7.44
C PHE B 146 9.24 5.04 -7.66
N TYR B 147 8.18 4.62 -8.34
CA TYR B 147 7.92 3.20 -8.57
C TYR B 147 9.04 2.59 -9.40
N ALA B 148 9.47 3.33 -10.41
CA ALA B 148 10.48 2.83 -11.36
C ALA B 148 11.78 2.51 -10.66
N GLN B 149 12.13 3.32 -9.67
CA GLN B 149 13.27 3.02 -8.81
C GLN B 149 13.00 1.72 -8.05
N TYR B 150 11.79 1.60 -7.50
CA TYR B 150 11.38 0.37 -6.84
C TYR B 150 11.57 -0.82 -7.80
N LYS B 151 11.21 -0.62 -9.05
CA LYS B 151 11.49 -1.63 -10.07
C LYS B 151 13.00 -1.93 -10.16
N SER B 152 13.82 -0.90 -10.14
CA SER B 152 15.23 -1.03 -10.46
C SER B 152 16.03 -1.83 -9.43
N ILE B 153 15.42 -2.27 -8.35
CA ILE B 153 16.15 -3.04 -7.37
C ILE B 153 15.85 -4.54 -7.42
N GLU B 154 14.83 -4.94 -8.18
CA GLU B 154 14.40 -6.34 -8.29
C GLU B 154 13.83 -6.86 -6.97
N PRO B 155 12.71 -6.27 -6.53
CA PRO B 155 12.01 -6.71 -5.33
C PRO B 155 11.27 -8.02 -5.51
N TYR B 156 12.01 -9.12 -5.41
CA TYR B 156 11.43 -10.48 -5.43
C TYR B 156 12.50 -11.49 -5.05
N LEU B 157 12.07 -12.70 -4.73
CA LEU B 157 13.01 -13.72 -4.29
C LEU B 157 13.82 -14.16 -5.50
N LYS B 158 15.14 -14.23 -5.35
CA LYS B 158 16.02 -14.73 -6.41
C LYS B 158 16.85 -15.91 -5.90
N LYS B 159 16.86 -16.99 -6.67
CA LYS B 159 17.59 -18.21 -6.33
C LYS B 159 18.49 -18.64 -7.49
N LYS B 160 19.64 -19.24 -7.16
CA LYS B 160 20.59 -19.69 -8.18
C LYS B 160 20.06 -20.84 -9.02
N ASP B 161 19.36 -21.77 -8.36
CA ASP B 161 18.65 -22.86 -9.03
C ASP B 161 17.16 -22.72 -8.79
N GLU B 162 16.45 -22.21 -9.80
CA GLU B 162 14.99 -22.05 -9.75
C GLU B 162 14.27 -23.20 -10.44
N SER B 163 14.90 -24.38 -10.45
CA SER B 163 14.37 -25.55 -11.15
C SER B 163 13.34 -26.29 -10.31
N GLN B 164 13.51 -26.25 -8.99
CA GLN B 164 12.59 -26.94 -8.07
C GLN B 164 11.52 -26.01 -7.49
N GLU B 165 11.33 -24.83 -8.09
CA GLU B 165 10.44 -23.84 -7.50
C GLU B 165 8.97 -24.18 -7.71
N GLY B 166 8.11 -23.55 -6.92
CA GLY B 166 6.67 -23.75 -6.97
C GLY B 166 6.21 -25.16 -6.70
N LYS B 167 6.93 -25.88 -5.84
CA LYS B 167 6.52 -27.25 -5.49
C LYS B 167 6.72 -27.58 -4.01
N GLN B 168 7.88 -27.22 -3.47
CA GLN B 168 8.13 -27.35 -2.05
C GLN B 168 8.23 -25.98 -1.43
N GLN B 169 7.76 -25.87 -0.20
CA GLN B 169 7.97 -24.64 0.55
C GLN B 169 9.43 -24.54 0.99
N TYR B 170 10.01 -23.37 0.74
CA TYR B 170 11.34 -23.04 1.22
C TYR B 170 11.33 -22.88 2.74
N LEU B 171 12.33 -23.43 3.40
CA LEU B 171 12.46 -23.35 4.84
C LEU B 171 13.06 -22.03 5.29
N GLN B 172 12.58 -21.53 6.42
CA GLN B 172 13.08 -20.29 7.03
C GLN B 172 12.77 -20.30 8.53
N SER B 173 13.83 -20.31 9.35
CA SER B 173 13.69 -20.34 10.81
C SER B 173 12.99 -19.09 11.30
N ILE B 174 12.30 -19.17 12.43
CA ILE B 174 11.63 -17.98 12.98
C ILE B 174 12.62 -16.82 13.23
N GLU B 175 13.85 -17.17 13.60
CA GLU B 175 14.90 -16.16 13.80
C GLU B 175 15.26 -15.47 12.48
N GLU B 176 15.40 -16.26 11.41
CA GLU B 176 15.64 -15.70 10.07
C GLU B 176 14.48 -14.84 9.61
N ARG B 177 13.27 -15.24 10.00
CA ARG B 177 12.07 -14.50 9.64
C ARG B 177 12.01 -13.18 10.37
N GLU B 178 12.39 -13.18 11.64
CA GLU B 178 12.30 -11.96 12.46
C GLU B 178 13.08 -10.77 11.90
N LYS B 179 14.14 -11.05 11.15
CA LYS B 179 14.95 -10.00 10.55
C LYS B 179 14.16 -9.12 9.59
N LEU B 180 13.02 -9.61 9.12
CA LEU B 180 12.17 -8.87 8.21
C LEU B 180 11.15 -8.00 8.94
N ASP B 181 10.73 -8.40 10.13
CA ASP B 181 9.89 -7.53 10.94
C ASP B 181 10.57 -6.17 10.97
N GLY B 182 9.82 -5.12 10.67
CA GLY B 182 10.38 -3.78 10.58
C GLY B 182 10.77 -3.39 9.17
N LEU B 183 10.76 -4.34 8.24
CA LEU B 183 11.12 -4.07 6.84
C LEU B 183 9.98 -4.41 5.87
N TYR B 184 9.37 -5.58 6.06
CA TYR B 184 8.39 -6.11 5.12
C TYR B 184 7.10 -5.29 5.03
N GLU B 185 6.84 -4.48 6.05
CA GLU B 185 5.57 -3.77 6.15
C GLU B 185 5.49 -2.55 5.25
N CYS B 186 6.57 -2.20 4.55
CA CYS B 186 6.61 -0.93 3.85
C CYS B 186 5.48 -0.75 2.85
N ILE B 187 4.61 0.19 3.17
CA ILE B 187 3.42 0.51 2.41
C ILE B 187 3.67 1.01 0.99
N LEU B 188 4.84 1.59 0.77
CA LEU B 188 5.13 2.42 -0.41
C LEU B 188 4.26 3.68 -0.41
N CYS B 189 4.07 4.26 0.78
CA CYS B 189 3.34 5.52 0.88
C CYS B 189 4.21 6.62 0.29
N ALA B 190 5.52 6.45 0.42
CA ALA B 190 6.50 7.35 -0.15
C ALA B 190 6.63 8.66 0.60
N CYS B 191 6.08 8.73 1.81
CA CYS B 191 6.21 9.92 2.64
C CYS B 191 7.68 10.11 2.95
N CYS B 192 8.39 9.03 3.26
CA CYS B 192 9.80 9.15 3.65
C CYS B 192 10.64 9.68 2.50
N SER B 193 10.82 8.88 1.44
CA SER B 193 11.73 9.28 0.35
C SER B 193 11.49 10.69 -0.15
N THR B 194 10.26 11.17 0.01
CA THR B 194 9.89 12.50 -0.46
C THR B 194 10.00 13.56 0.64
N SER B 195 10.58 13.17 1.77
CA SER B 195 10.96 14.07 2.85
C SER B 195 12.47 14.20 2.96
N CYS B 196 13.20 13.48 2.11
CA CYS B 196 14.67 13.43 2.19
C CYS B 196 15.26 14.47 1.28
N PRO B 197 15.93 15.49 1.85
CA PRO B 197 16.51 16.55 1.03
C PRO B 197 17.40 16.03 -0.10
N SER B 198 18.11 14.93 0.18
CA SER B 198 18.97 14.31 -0.82
C SER B 198 18.14 13.89 -2.02
N TYR B 199 16.94 13.35 -1.75
CA TYR B 199 15.98 12.97 -2.80
C TYR B 199 15.28 14.18 -3.44
N TRP B 200 15.15 15.30 -2.71
CA TRP B 200 14.66 16.53 -3.34
C TRP B 200 15.63 16.94 -4.42
N TRP B 201 16.90 17.08 -4.05
CA TRP B 201 17.91 17.59 -4.96
C TRP B 201 18.40 16.53 -5.95
N ASN B 202 18.05 15.26 -5.73
CA ASN B 202 18.62 14.17 -6.52
C ASN B 202 17.65 13.01 -6.77
N GLY B 203 16.41 13.37 -7.03
CA GLY B 203 15.38 12.40 -7.41
C GLY B 203 15.78 11.51 -8.57
N ASP B 204 16.52 12.07 -9.53
CA ASP B 204 16.88 11.28 -10.70
C ASP B 204 17.80 10.13 -10.37
N LYS B 205 18.89 10.38 -9.65
CA LYS B 205 19.93 9.36 -9.53
C LYS B 205 20.00 8.67 -8.17
N TYR B 206 19.55 9.35 -7.12
CA TYR B 206 19.46 8.74 -5.79
C TYR B 206 18.15 7.98 -5.61
N LEU B 207 18.24 6.78 -5.03
CA LEU B 207 17.06 5.91 -4.87
C LEU B 207 16.07 6.34 -3.79
N GLY B 208 16.57 6.79 -2.65
CA GLY B 208 15.71 7.18 -1.53
C GLY B 208 15.25 6.01 -0.67
N PRO B 209 15.06 6.26 0.64
CA PRO B 209 14.82 5.30 1.74
C PRO B 209 13.80 4.22 1.46
N ALA B 210 12.61 4.64 1.04
CA ALA B 210 11.52 3.70 0.76
C ALA B 210 12.11 2.49 0.06
N VAL B 211 12.81 2.79 -1.02
CA VAL B 211 13.30 1.78 -1.91
C VAL B 211 14.47 1.04 -1.27
N LEU B 212 15.39 1.78 -0.64
CA LEU B 212 16.62 1.19 -0.12
C LEU B 212 16.32 0.23 1.00
N MET B 213 15.41 0.63 1.88
CA MET B 213 14.97 -0.26 2.95
C MET B 213 14.48 -1.59 2.35
N GLN B 214 13.79 -1.53 1.22
CA GLN B 214 13.32 -2.73 0.54
C GLN B 214 14.45 -3.51 -0.10
N ALA B 215 15.43 -2.80 -0.65
CA ALA B 215 16.62 -3.46 -1.18
C ALA B 215 17.29 -4.21 -0.06
N TYR B 216 17.37 -3.56 1.09
CA TYR B 216 17.90 -4.20 2.27
C TYR B 216 17.03 -5.41 2.66
N ARG B 217 15.70 -5.21 2.71
CA ARG B 217 14.74 -6.30 3.04
C ARG B 217 15.03 -7.60 2.29
N TRP B 218 15.40 -7.49 1.02
CA TRP B 218 15.75 -8.65 0.21
C TRP B 218 17.17 -9.17 0.52
N MET B 219 18.08 -8.25 0.80
CA MET B 219 19.44 -8.62 1.18
C MET B 219 19.45 -9.63 2.33
N ILE B 220 18.75 -9.33 3.40
CA ILE B 220 18.81 -10.19 4.59
C ILE B 220 17.70 -11.26 4.64
N ASP B 221 16.90 -11.35 3.59
CA ASP B 221 15.96 -12.46 3.48
C ASP B 221 16.81 -13.70 3.17
N SER B 222 16.90 -14.61 4.13
CA SER B 222 17.74 -15.80 4.03
C SER B 222 17.53 -16.55 2.73
N ARG B 223 16.27 -16.59 2.29
CA ARG B 223 15.88 -17.36 1.12
C ARG B 223 16.60 -16.87 -0.15
N ASP B 224 16.74 -15.54 -0.26
CA ASP B 224 17.39 -14.91 -1.42
C ASP B 224 18.86 -15.36 -1.55
N ASP B 225 19.31 -15.54 -2.80
CA ASP B 225 20.68 -15.99 -3.10
C ASP B 225 21.54 -14.91 -3.75
N PHE B 226 20.94 -13.78 -4.11
CA PHE B 226 21.66 -12.74 -4.84
C PHE B 226 22.03 -11.53 -3.97
N THR B 227 22.35 -11.79 -2.70
CA THR B 227 22.62 -10.71 -1.74
C THR B 227 23.77 -9.81 -2.18
N GLU B 228 24.76 -10.36 -2.89
CA GLU B 228 25.97 -9.63 -3.26
C GLU B 228 25.74 -8.71 -4.45
N GLU B 229 25.20 -9.27 -5.52
CA GLU B 229 24.97 -8.47 -6.73
C GLU B 229 23.89 -7.41 -6.46
N ARG B 230 23.03 -7.68 -5.47
CA ARG B 230 22.15 -6.66 -4.92
C ARG B 230 22.96 -5.53 -4.34
N LEU B 231 23.97 -5.89 -3.55
CA LEU B 231 24.92 -4.91 -3.03
C LEU B 231 25.79 -4.30 -4.13
N ALA B 232 26.15 -5.09 -5.14
CA ALA B 232 26.93 -4.57 -6.25
C ALA B 232 26.22 -3.44 -7.00
N LYS B 233 24.89 -3.50 -7.06
CA LYS B 233 24.08 -2.52 -7.81
C LYS B 233 24.20 -1.10 -7.25
N LEU B 234 24.67 -0.98 -6.01
CA LEU B 234 24.74 0.30 -5.31
C LEU B 234 26.13 0.98 -5.33
N GLN B 235 27.08 0.36 -6.05
CA GLN B 235 28.44 0.90 -6.16
C GLN B 235 28.50 2.07 -7.11
N ASP B 236 27.93 3.18 -6.70
CA ASP B 236 28.10 4.43 -7.41
C ASP B 236 27.80 5.60 -6.47
N PRO B 237 28.32 6.78 -6.82
CA PRO B 237 28.14 7.97 -6.01
C PRO B 237 26.72 8.17 -5.45
N PHE B 238 25.70 7.88 -6.26
CA PHE B 238 24.34 8.33 -5.97
C PHE B 238 23.44 7.26 -5.40
N SER B 239 23.29 6.16 -6.11
CA SER B 239 22.28 5.14 -5.77
C SER B 239 22.01 5.04 -4.27
N LEU B 240 23.07 4.75 -3.51
CA LEU B 240 22.99 4.63 -2.05
C LEU B 240 23.59 5.83 -1.35
N TYR B 241 24.73 6.29 -1.87
CA TYR B 241 25.61 7.17 -1.12
C TYR B 241 25.28 8.66 -1.21
N ARG B 242 24.03 8.99 -1.52
CA ARG B 242 23.56 10.37 -1.31
C ARG B 242 22.87 10.50 0.05
N CYS B 243 22.75 9.38 0.76
CA CYS B 243 22.37 9.42 2.16
C CYS B 243 23.48 10.11 2.92
N HIS B 244 23.11 11.07 3.75
CA HIS B 244 24.03 11.73 4.67
C HIS B 244 23.37 11.76 6.06
N THR B 245 22.71 10.66 6.42
CA THR B 245 22.07 10.48 7.74
C THR B 245 21.32 11.70 8.27
N ILE B 246 20.51 12.31 7.41
CA ILE B 246 19.68 13.47 7.77
C ILE B 246 18.52 12.99 8.66
N MET B 247 18.09 11.74 8.45
CA MET B 247 17.15 11.08 9.34
C MET B 247 15.74 11.64 9.33
N ASN B 248 15.47 12.54 8.40
CA ASN B 248 14.11 12.98 8.17
C ASN B 248 13.18 11.82 7.79
N CYS B 249 13.73 10.83 7.08
CA CYS B 249 12.95 9.73 6.54
C CYS B 249 12.22 8.95 7.63
N THR B 250 12.97 8.44 8.59
CA THR B 250 12.41 7.70 9.72
C THR B 250 11.44 8.56 10.53
N GLY B 251 11.82 9.82 10.73
CA GLY B 251 10.96 10.78 11.39
C GLY B 251 9.51 10.73 10.97
N THR B 252 9.26 10.81 9.66
CA THR B 252 7.90 11.06 9.14
C THR B 252 7.09 9.81 8.74
N CYS B 253 7.75 8.66 8.63
CA CYS B 253 7.10 7.43 8.17
C CYS B 253 5.76 7.17 8.85
N PRO B 254 4.72 6.84 8.07
CA PRO B 254 3.42 6.58 8.69
C PRO B 254 3.32 5.29 9.53
N LYS B 255 4.26 4.37 9.37
CA LYS B 255 4.16 3.05 10.00
C LYS B 255 5.22 2.80 11.09
N GLY B 256 5.83 3.87 11.58
CA GLY B 256 6.91 3.79 12.55
C GLY B 256 8.12 2.97 12.10
N LEU B 257 8.33 2.91 10.78
CA LEU B 257 9.45 2.16 10.21
C LEU B 257 10.69 3.01 10.27
N ASN B 258 11.83 2.34 10.16
CA ASN B 258 13.12 3.01 10.31
C ASN B 258 14.03 2.76 9.13
N PRO B 259 13.79 3.48 8.03
CA PRO B 259 14.65 3.30 6.88
C PRO B 259 16.09 3.71 7.16
N GLY B 260 16.31 4.95 7.60
CA GLY B 260 17.66 5.42 7.93
C GLY B 260 18.48 4.30 8.54
N LYS B 261 17.97 3.78 9.65
CA LYS B 261 18.50 2.60 10.32
C LYS B 261 18.86 1.52 9.32
N ALA B 262 17.95 1.19 8.42
CA ALA B 262 18.23 0.19 7.37
C ALA B 262 19.29 0.66 6.33
N ILE B 263 19.32 1.95 6.01
CA ILE B 263 20.35 2.46 5.11
C ILE B 263 21.68 2.16 5.77
N ALA B 264 21.83 2.59 7.02
CA ALA B 264 23.08 2.39 7.72
C ALA B 264 23.49 0.94 7.57
N GLU B 265 22.60 0.06 7.99
CA GLU B 265 22.82 -1.38 7.87
C GLU B 265 23.35 -1.77 6.49
N ILE B 266 22.79 -1.16 5.44
CA ILE B 266 23.25 -1.42 4.07
C ILE B 266 24.71 -1.02 3.91
N LYS B 267 25.02 0.20 4.32
CA LYS B 267 26.37 0.74 4.16
C LYS B 267 27.44 -0.16 4.80
N LYS B 268 27.08 -0.76 5.93
CA LYS B 268 27.94 -1.70 6.64
C LYS B 268 28.13 -2.99 5.84
N MET B 269 27.07 -3.46 5.19
CA MET B 269 27.22 -4.60 4.29
C MET B 269 28.12 -4.18 3.12
N MET B 270 27.88 -2.98 2.62
CA MET B 270 28.60 -2.47 1.44
C MET B 270 30.12 -2.40 1.60
N ALA B 271 30.59 -2.14 2.81
CA ALA B 271 32.02 -1.98 3.06
C ALA B 271 32.71 -3.29 3.46
N THR B 272 31.94 -4.23 3.97
CA THR B 272 32.52 -5.44 4.55
C THR B 272 32.21 -6.71 3.76
N TYR B 273 31.31 -6.64 2.78
CA TYR B 273 31.05 -7.77 1.89
C TYR B 273 32.24 -7.97 0.96
N LYS B 274 32.53 -9.22 0.60
CA LYS B 274 33.72 -9.56 -0.18
C LYS B 274 33.43 -10.14 -1.57
N GLU B 275 34.00 -9.49 -2.59
CA GLU B 275 34.27 -10.07 -3.92
C GLU B 275 34.60 -9.00 -4.96
N THR C 32 8.54 -2.25 -21.25
CA THR C 32 9.04 -1.02 -20.55
C THR C 32 9.87 -1.35 -19.30
N THR C 33 11.18 -1.05 -19.36
CA THR C 33 12.11 -1.34 -18.27
C THR C 33 12.17 -0.21 -17.26
N ALA C 34 12.88 -0.46 -16.16
CA ALA C 34 13.02 0.52 -15.07
C ALA C 34 13.70 1.78 -15.54
N LYS C 35 14.71 1.60 -16.39
CA LYS C 35 15.44 2.71 -17.00
C LYS C 35 14.53 3.51 -17.92
N GLU C 36 13.81 2.80 -18.78
CA GLU C 36 12.91 3.43 -19.75
C GLU C 36 11.80 4.22 -19.08
N GLU C 37 11.23 3.67 -18.01
CA GLU C 37 10.23 4.37 -17.21
C GLU C 37 10.81 5.71 -16.73
N MET C 38 11.97 5.64 -16.08
CA MET C 38 12.65 6.82 -15.57
C MET C 38 12.87 7.84 -16.68
N GLU C 39 13.28 7.38 -17.85
CA GLU C 39 13.47 8.25 -19.01
C GLU C 39 12.19 8.98 -19.42
N ARG C 40 11.09 8.23 -19.49
CA ARG C 40 9.79 8.78 -19.87
C ARG C 40 9.33 9.84 -18.88
N PHE C 41 9.50 9.55 -17.59
CA PHE C 41 9.17 10.51 -16.54
C PHE C 41 9.74 11.89 -16.81
N TRP C 42 11.04 11.94 -17.08
CA TRP C 42 11.73 13.23 -17.25
C TRP C 42 11.32 13.94 -18.54
N ASN C 43 11.38 13.24 -19.67
CA ASN C 43 10.90 13.78 -20.94
C ASN C 43 9.53 14.40 -20.75
N LYS C 44 8.64 13.63 -20.14
CA LYS C 44 7.25 14.04 -19.96
C LYS C 44 7.14 15.29 -19.11
N ASN C 45 7.85 15.29 -17.98
CA ASN C 45 7.66 16.33 -16.96
C ASN C 45 8.41 17.63 -17.21
N LEU C 46 9.65 17.52 -17.71
CA LEU C 46 10.43 18.70 -18.08
C LEU C 46 9.69 19.53 -19.14
N GLY C 47 9.21 18.86 -20.19
CA GLY C 47 8.46 19.51 -21.26
C GLY C 47 6.98 19.70 -20.96
N SER C 48 6.63 19.71 -19.68
CA SER C 48 5.26 19.97 -19.24
C SER C 48 5.17 21.38 -18.69
N ASN C 49 3.98 21.71 -18.21
CA ASN C 49 3.75 22.95 -17.48
C ASN C 49 3.27 22.64 -16.05
N ARG C 50 3.70 21.50 -15.52
CA ARG C 50 3.39 21.14 -14.15
C ARG C 50 4.27 21.94 -13.19
N PRO C 51 3.68 22.40 -12.06
CA PRO C 51 4.52 22.99 -11.04
C PRO C 51 5.33 21.94 -10.28
N LEU C 52 6.20 22.43 -9.40
CA LEU C 52 6.89 21.58 -8.47
C LEU C 52 6.20 21.82 -7.15
N SER C 53 5.95 20.76 -6.40
CA SER C 53 5.44 20.92 -5.05
C SER C 53 6.52 21.66 -4.27
N PRO C 54 6.14 22.55 -3.35
CA PRO C 54 7.13 23.21 -2.48
C PRO C 54 7.88 22.21 -1.56
N HIS C 55 8.92 22.68 -0.87
CA HIS C 55 9.69 21.80 0.03
C HIS C 55 10.21 22.52 1.27
N ILE C 56 11.38 23.15 1.17
CA ILE C 56 11.96 23.89 2.32
C ILE C 56 10.98 24.89 2.95
N THR C 57 10.09 25.45 2.11
CA THR C 57 9.19 26.51 2.54
C THR C 57 8.11 25.97 3.45
N ILE C 58 7.63 24.77 3.14
CA ILE C 58 6.53 24.19 3.91
C ILE C 58 7.00 23.23 5.01
N TYR C 59 8.16 22.58 4.83
CA TYR C 59 8.53 21.46 5.70
C TYR C 59 8.86 21.83 7.15
N ARG C 60 8.36 21.03 8.09
CA ARG C 60 8.61 21.21 9.54
C ARG C 60 10.10 21.34 9.87
N TRP C 61 10.42 22.27 10.74
CA TRP C 61 11.78 22.39 11.20
C TRP C 61 12.03 21.43 12.35
N SER C 62 13.01 20.56 12.14
CA SER C 62 13.34 19.53 13.08
C SER C 62 14.69 19.89 13.65
N LEU C 63 14.96 19.48 14.88
CA LEU C 63 16.31 19.58 15.44
C LEU C 63 17.32 18.81 14.57
N PRO C 64 16.98 17.56 14.15
CA PRO C 64 17.85 16.82 13.21
C PRO C 64 18.21 17.60 11.96
N MET C 65 17.20 18.13 11.28
CA MET C 65 17.42 18.96 10.10
C MET C 65 18.43 20.05 10.41
N ALA C 66 18.05 20.98 11.28
CA ALA C 66 18.95 22.04 11.69
C ALA C 66 20.33 21.50 12.04
N MET C 67 20.38 20.39 12.76
CA MET C 67 21.64 19.85 13.25
C MET C 67 22.54 19.22 12.19
N SER C 68 21.99 18.90 11.01
CA SER C 68 22.83 18.47 9.90
C SER C 68 23.20 19.68 9.03
N ILE C 69 22.22 20.56 8.75
CA ILE C 69 22.53 21.81 8.06
C ILE C 69 23.79 22.38 8.69
N CYS C 70 23.70 22.68 9.98
CA CYS C 70 24.84 23.25 10.68
C CYS C 70 26.09 22.43 10.37
N HIS C 71 26.02 21.12 10.55
CA HIS C 71 27.19 20.28 10.33
C HIS C 71 27.82 20.49 8.95
N ARG C 72 27.00 20.76 7.93
CA ARG C 72 27.51 21.16 6.62
C ARG C 72 28.14 22.53 6.71
N GLY C 73 27.32 23.52 7.09
CA GLY C 73 27.79 24.89 7.25
C GLY C 73 29.13 24.95 7.97
N THR C 74 29.18 24.32 9.15
CA THR C 74 30.40 24.29 9.94
C THR C 74 31.54 23.70 9.13
N GLY C 75 31.30 22.53 8.55
CA GLY C 75 32.29 21.92 7.66
C GLY C 75 32.86 22.94 6.69
N ILE C 76 31.97 23.53 5.91
CA ILE C 76 32.34 24.46 4.86
C ILE C 76 33.17 25.62 5.38
N ALA C 77 32.83 26.11 6.59
CA ALA C 77 33.53 27.25 7.19
C ALA C 77 34.92 26.86 7.62
N LEU C 78 35.08 25.66 8.17
CA LEU C 78 36.39 25.20 8.63
C LEU C 78 37.36 25.02 7.45
N SER C 79 36.94 24.28 6.43
CA SER C 79 37.79 24.12 5.25
C SER C 79 38.09 25.48 4.62
N ALA C 80 37.07 26.33 4.48
CA ALA C 80 37.28 27.72 4.06
C ALA C 80 38.40 28.34 4.90
N GLY C 81 38.35 28.07 6.20
CA GLY C 81 39.32 28.60 7.15
C GLY C 81 40.69 28.01 6.93
N VAL C 82 40.79 26.69 6.88
CA VAL C 82 42.07 26.02 6.65
C VAL C 82 42.70 26.47 5.34
N SER C 83 41.90 26.57 4.28
CA SER C 83 42.39 27.05 2.97
C SER C 83 43.06 28.42 3.05
N LEU C 84 42.34 29.42 3.54
CA LEU C 84 42.90 30.75 3.66
C LEU C 84 44.23 30.69 4.40
N PHE C 85 44.31 29.85 5.43
CA PHE C 85 45.53 29.77 6.22
C PHE C 85 46.72 29.23 5.45
N GLY C 86 46.55 28.06 4.83
CA GLY C 86 47.61 27.47 3.99
C GLY C 86 47.92 28.30 2.75
N LEU C 87 46.92 28.99 2.21
CA LEU C 87 47.08 29.79 0.98
C LEU C 87 47.88 31.04 1.25
N SER C 88 47.52 31.76 2.29
CA SER C 88 48.27 32.96 2.64
C SER C 88 49.72 32.61 3.01
N ALA C 89 49.97 31.40 3.51
CA ALA C 89 51.35 30.93 3.75
C ALA C 89 52.21 31.03 2.49
N LEU C 90 51.61 30.74 1.32
CA LEU C 90 52.29 30.84 0.03
C LEU C 90 52.19 32.20 -0.62
N LEU C 91 51.10 32.92 -0.39
CA LEU C 91 50.85 34.14 -1.13
C LEU C 91 51.34 35.39 -0.39
N LEU C 92 51.05 35.47 0.91
CA LEU C 92 51.37 36.68 1.68
C LEU C 92 52.85 36.83 2.08
N PRO C 93 53.28 38.08 2.35
CA PRO C 93 54.61 38.36 2.87
C PRO C 93 54.78 38.15 4.38
N GLY C 94 56.04 38.03 4.80
CA GLY C 94 56.41 37.99 6.21
C GLY C 94 56.42 36.59 6.78
N ASN C 95 55.86 36.45 7.98
CA ASN C 95 55.75 35.17 8.65
C ASN C 95 54.69 35.29 9.73
N PHE C 96 54.38 34.17 10.37
CA PHE C 96 53.27 34.15 11.30
C PHE C 96 53.49 35.16 12.43
N GLU C 97 54.73 35.23 12.94
CA GLU C 97 55.06 36.13 14.03
C GLU C 97 54.70 37.56 13.66
N SER C 98 55.15 37.99 12.48
CA SER C 98 54.86 39.34 11.98
C SER C 98 53.35 39.61 11.88
N HIS C 99 52.58 38.60 11.53
CA HIS C 99 51.14 38.77 11.39
C HIS C 99 50.43 38.80 12.74
N LEU C 100 51.01 38.14 13.75
CA LEU C 100 50.49 38.25 15.11
C LEU C 100 50.85 39.59 15.73
N GLU C 101 52.10 40.01 15.56
CA GLU C 101 52.52 41.32 16.04
C GLU C 101 51.68 42.41 15.37
N LEU C 102 51.23 42.16 14.15
CA LEU C 102 50.28 43.04 13.47
C LEU C 102 48.94 43.06 14.21
N VAL C 103 48.40 41.87 14.47
CA VAL C 103 47.16 41.73 15.24
C VAL C 103 47.27 42.45 16.58
N LYS C 104 48.32 42.14 17.34
CA LYS C 104 48.54 42.72 18.67
C LYS C 104 48.33 44.23 18.70
N SER C 105 48.87 44.90 17.69
CA SER C 105 48.81 46.35 17.59
C SER C 105 47.49 46.84 16.97
N LEU C 106 46.37 46.38 17.53
CA LEU C 106 45.05 46.80 17.08
C LEU C 106 44.18 47.15 18.27
N CYS C 107 44.77 47.84 19.24
CA CYS C 107 44.09 48.18 20.51
C CYS C 107 43.06 47.10 20.88
N LEU C 108 43.55 45.87 20.99
CA LEU C 108 42.72 44.68 21.19
C LEU C 108 41.98 44.66 22.54
N GLY C 109 40.67 44.51 22.50
CA GLY C 109 39.89 44.30 23.72
C GLY C 109 40.07 42.86 24.18
N PRO C 110 40.20 42.63 25.50
CA PRO C 110 40.28 41.22 25.95
C PRO C 110 38.98 40.43 25.73
N THR C 111 37.83 41.12 25.80
CA THR C 111 36.55 40.52 25.44
C THR C 111 36.50 40.25 23.94
N LEU C 112 36.77 41.29 23.14
CA LEU C 112 36.82 41.14 21.68
C LEU C 112 37.77 39.99 21.24
N ILE C 113 38.87 39.77 21.97
CA ILE C 113 39.77 38.63 21.70
C ILE C 113 39.02 37.32 22.00
N TYR C 114 38.37 37.27 23.16
CA TYR C 114 37.57 36.11 23.53
C TYR C 114 36.52 35.83 22.46
N THR C 115 35.74 36.85 22.12
CA THR C 115 34.79 36.77 21.01
C THR C 115 35.42 36.11 19.77
N ALA C 116 36.42 36.75 19.18
CA ALA C 116 37.10 36.18 18.02
C ALA C 116 37.46 34.71 18.28
N LYS C 117 38.10 34.47 19.43
CA LYS C 117 38.60 33.14 19.82
C LYS C 117 37.49 32.10 20.05
N PHE C 118 36.33 32.58 20.50
CA PHE C 118 35.13 31.75 20.65
C PHE C 118 34.55 31.45 19.27
N GLY C 119 34.49 32.48 18.42
CA GLY C 119 34.06 32.37 17.04
C GLY C 119 34.87 31.36 16.24
N ILE C 120 36.17 31.31 16.47
CA ILE C 120 36.99 30.24 15.91
C ILE C 120 36.47 28.90 16.37
N VAL C 121 36.40 28.72 17.69
CA VAL C 121 36.28 27.39 18.29
C VAL C 121 34.83 26.90 18.48
N PHE C 122 33.85 27.78 18.32
CA PHE C 122 32.46 27.36 18.40
C PHE C 122 32.08 26.31 17.33
N PRO C 123 32.28 26.64 16.04
CA PRO C 123 31.97 25.69 14.97
C PRO C 123 32.93 24.52 14.88
N LEU C 124 34.17 24.73 15.30
CA LEU C 124 35.14 23.62 15.38
C LEU C 124 34.58 22.54 16.31
N MET C 125 34.10 22.95 17.48
CA MET C 125 33.63 21.98 18.49
C MET C 125 32.27 21.38 18.14
N TYR C 126 31.37 22.20 17.62
CA TYR C 126 30.07 21.69 17.16
C TYR C 126 30.28 20.54 16.16
N HIS C 127 30.96 20.86 15.07
CA HIS C 127 31.25 19.92 14.03
C HIS C 127 31.98 18.70 14.60
N THR C 128 32.90 18.92 15.55
CA THR C 128 33.65 17.79 16.13
C THR C 128 32.74 16.84 16.88
N TRP C 129 31.93 17.40 17.78
CA TRP C 129 31.06 16.58 18.62
C TRP C 129 30.02 15.89 17.77
N ASN C 130 29.32 16.66 16.93
CA ASN C 130 28.33 16.11 15.99
C ASN C 130 28.95 15.09 15.05
N GLY C 131 30.15 15.37 14.57
CA GLY C 131 30.95 14.42 13.79
C GLY C 131 31.06 13.07 14.47
N ILE C 132 31.25 13.08 15.79
CA ILE C 132 31.32 11.85 16.55
C ILE C 132 29.97 11.10 16.49
N ARG C 133 28.88 11.89 16.62
CA ARG C 133 27.53 11.36 16.54
C ARG C 133 27.29 10.74 15.16
N HIS C 134 27.70 11.45 14.11
CA HIS C 134 27.64 10.87 12.78
C HIS C 134 28.36 9.52 12.75
N LEU C 135 29.54 9.45 13.38
CA LEU C 135 30.35 8.23 13.33
C LEU C 135 29.79 7.08 14.14
N ILE C 136 29.03 7.40 15.19
CA ILE C 136 28.30 6.37 15.93
C ILE C 136 27.21 5.78 15.03
N TRP C 137 26.44 6.65 14.39
CA TRP C 137 25.44 6.25 13.41
C TRP C 137 25.99 5.32 12.35
N ASP C 138 27.20 5.61 11.86
CA ASP C 138 27.84 4.79 10.83
C ASP C 138 28.23 3.42 11.40
N LEU C 139 28.50 3.37 12.70
CA LEU C 139 28.54 2.09 13.41
C LEU C 139 27.15 1.46 13.58
N GLY C 140 26.13 2.04 12.96
CA GLY C 140 24.73 1.55 13.00
C GLY C 140 23.94 1.91 14.25
N LYS C 141 24.47 2.82 15.08
CA LYS C 141 24.03 2.96 16.47
C LYS C 141 23.21 4.23 16.72
N GLY C 142 22.06 4.05 17.35
CA GLY C 142 21.32 5.15 17.92
C GLY C 142 20.46 5.94 16.97
N LEU C 143 19.82 5.26 16.03
CA LEU C 143 18.97 5.92 15.03
C LEU C 143 17.47 5.72 15.31
N THR C 144 17.04 6.05 16.53
CA THR C 144 15.62 6.14 16.86
C THR C 144 15.30 7.60 17.18
N ILE C 145 14.09 8.04 16.87
CA ILE C 145 13.69 9.44 17.13
C ILE C 145 13.89 9.88 18.59
N PRO C 146 13.75 8.93 19.54
CA PRO C 146 14.26 9.29 20.87
C PRO C 146 15.75 9.65 20.81
N GLN C 147 16.58 8.65 20.49
CA GLN C 147 18.03 8.76 20.58
C GLN C 147 18.61 9.97 19.87
N LEU C 148 17.97 10.39 18.77
CA LEU C 148 18.43 11.56 18.00
C LEU C 148 18.24 12.86 18.79
N THR C 149 17.08 13.02 19.41
CA THR C 149 16.79 14.21 20.23
C THR C 149 17.70 14.24 21.47
N GLN C 150 17.91 13.08 22.09
CA GLN C 150 18.85 12.95 23.20
C GLN C 150 20.30 13.32 22.81
N SER C 151 20.91 12.53 21.93
CA SER C 151 22.26 12.82 21.45
C SER C 151 22.41 14.22 20.85
N GLY C 152 21.44 14.61 20.04
CA GLY C 152 21.42 15.93 19.43
C GLY C 152 21.52 17.02 20.47
N VAL C 153 20.76 16.86 21.55
CA VAL C 153 20.81 17.80 22.67
C VAL C 153 22.17 17.75 23.35
N VAL C 154 22.68 16.56 23.66
CA VAL C 154 24.01 16.43 24.26
C VAL C 154 25.07 17.16 23.47
N VAL C 155 25.07 16.98 22.15
CA VAL C 155 26.04 17.67 21.28
C VAL C 155 26.01 19.18 21.55
N LEU C 156 24.83 19.77 21.58
CA LEU C 156 24.74 21.21 21.88
C LEU C 156 25.36 21.55 23.23
N ILE C 157 25.17 20.67 24.22
CA ILE C 157 25.69 20.93 25.55
C ILE C 157 27.21 20.78 25.48
N LEU C 158 27.70 19.63 25.01
CA LEU C 158 29.15 19.42 24.84
C LEU C 158 29.82 20.55 24.03
N THR C 159 29.11 21.06 23.03
CA THR C 159 29.62 22.15 22.21
C THR C 159 29.89 23.41 23.05
N VAL C 160 28.83 23.94 23.65
CA VAL C 160 28.93 25.14 24.50
C VAL C 160 30.02 25.03 25.59
N LEU C 161 30.10 23.87 26.22
CA LEU C 161 31.07 23.64 27.30
C LEU C 161 32.52 23.60 26.82
N SER C 162 32.81 22.74 25.84
CA SER C 162 34.15 22.70 25.26
C SER C 162 34.50 24.02 24.59
N SER C 163 33.54 24.68 23.95
CA SER C 163 33.77 25.99 23.32
C SER C 163 34.16 27.07 24.34
N VAL C 164 33.30 27.29 25.32
CA VAL C 164 33.60 28.18 26.45
C VAL C 164 34.87 27.76 27.20
N GLY C 165 35.02 26.46 27.43
CA GLY C 165 36.26 25.89 27.96
C GLY C 165 37.50 26.33 27.19
N LEU C 166 37.65 25.85 25.95
CA LEU C 166 38.82 26.17 25.13
C LEU C 166 39.08 27.66 24.98
N ALA C 167 38.02 28.43 24.74
CA ALA C 167 38.13 29.87 24.50
C ALA C 167 38.72 30.65 25.69
N ALA C 168 38.94 29.96 26.82
CA ALA C 168 39.60 30.54 27.98
C ALA C 168 40.84 29.76 28.44
N MET C 169 41.39 28.90 27.57
CA MET C 169 42.60 28.13 27.92
C MET C 169 43.85 28.96 27.73
N SER D 58 32.79 -6.61 -9.70
CA SER D 58 32.42 -5.70 -8.57
C SER D 58 33.63 -4.97 -7.97
N SER D 59 34.14 -3.96 -8.68
CA SER D 59 35.11 -3.03 -8.12
C SER D 59 34.39 -2.23 -7.01
N LYS D 60 34.79 -2.46 -5.75
CA LYS D 60 34.19 -1.75 -4.62
C LYS D 60 34.68 -0.27 -4.57
N ALA D 61 34.52 0.47 -5.67
CA ALA D 61 35.14 1.78 -5.85
C ALA D 61 34.44 2.92 -5.08
N ALA D 62 33.12 2.90 -5.03
CA ALA D 62 32.37 3.90 -4.27
C ALA D 62 32.33 3.54 -2.78
N SER D 63 32.29 2.25 -2.47
CA SER D 63 32.20 1.81 -1.07
C SER D 63 33.53 1.94 -0.34
N LEU D 64 34.66 1.80 -1.07
CA LEU D 64 35.98 2.01 -0.48
C LEU D 64 36.18 3.47 -0.20
N HIS D 65 35.67 4.31 -1.09
CA HIS D 65 35.71 5.75 -0.87
C HIS D 65 35.02 6.16 0.43
N TRP D 66 33.84 5.58 0.67
CA TRP D 66 33.12 5.81 1.92
C TRP D 66 34.00 5.42 3.08
N THR D 67 34.41 4.15 3.15
CA THR D 67 35.22 3.64 4.25
C THR D 67 36.41 4.55 4.58
N GLY D 68 37.13 4.95 3.54
CA GLY D 68 38.24 5.88 3.68
C GLY D 68 37.83 7.17 4.37
N GLU D 69 36.71 7.73 3.96
CA GLU D 69 36.23 8.97 4.58
C GLU D 69 36.15 8.84 6.10
N ARG D 70 35.48 7.78 6.56
CA ARG D 70 35.31 7.50 8.00
C ARG D 70 36.68 7.29 8.65
N VAL D 71 37.52 6.50 7.98
CA VAL D 71 38.86 6.24 8.46
C VAL D 71 39.61 7.54 8.74
N VAL D 72 39.69 8.44 7.76
CA VAL D 72 40.39 9.72 8.00
C VAL D 72 39.71 10.57 9.09
N SER D 73 38.38 10.54 9.13
CA SER D 73 37.65 11.30 10.14
C SER D 73 38.04 10.85 11.53
N VAL D 74 38.19 9.55 11.75
CA VAL D 74 38.61 9.06 13.07
C VAL D 74 40.07 9.42 13.32
N LEU D 75 40.92 9.32 12.31
CA LEU D 75 42.29 9.85 12.47
C LEU D 75 42.26 11.31 12.97
N LEU D 76 41.55 12.16 12.24
CA LEU D 76 41.49 13.58 12.54
C LEU D 76 40.89 13.84 13.93
N LEU D 77 39.96 12.99 14.37
CA LEU D 77 39.53 13.00 15.76
C LEU D 77 40.71 12.67 16.66
N GLY D 78 41.40 11.57 16.39
CA GLY D 78 42.59 11.17 17.16
C GLY D 78 43.78 12.14 17.15
N LEU D 79 43.91 12.93 16.08
CA LEU D 79 45.01 13.89 15.98
C LEU D 79 44.83 15.14 16.82
N LEU D 80 43.65 15.74 16.79
CA LEU D 80 43.46 16.98 17.53
C LEU D 80 44.05 16.90 18.94
N PRO D 81 43.67 15.89 19.74
CA PRO D 81 44.18 15.84 21.11
C PRO D 81 45.63 15.35 21.22
N ALA D 82 46.01 14.38 20.39
CA ALA D 82 47.39 13.88 20.36
C ALA D 82 48.40 14.98 20.01
N ALA D 83 47.96 15.95 19.21
CA ALA D 83 48.75 17.13 18.87
C ALA D 83 48.95 18.05 20.07
N TYR D 84 47.86 18.33 20.78
CA TYR D 84 47.93 19.07 22.04
C TYR D 84 48.91 18.42 23.01
N LEU D 85 48.82 17.09 23.14
CA LEU D 85 49.69 16.35 24.04
C LEU D 85 51.14 16.27 23.54
N ASN D 86 51.32 16.28 22.23
CA ASN D 86 52.64 16.02 21.64
C ASN D 86 52.89 16.87 20.38
N PRO D 87 53.01 18.21 20.56
CA PRO D 87 53.34 19.08 19.43
C PRO D 87 54.71 18.78 18.85
N CYS D 88 54.78 18.50 17.56
CA CYS D 88 56.04 18.20 16.90
C CYS D 88 55.86 18.16 15.40
N SER D 89 56.97 18.27 14.66
CA SER D 89 56.92 18.26 13.20
C SER D 89 56.04 17.13 12.69
N ALA D 90 56.32 15.91 13.15
CA ALA D 90 55.56 14.74 12.75
C ALA D 90 54.08 15.07 12.74
N MET D 91 53.58 15.49 13.90
CA MET D 91 52.16 15.78 14.09
C MET D 91 51.69 16.90 13.16
N ASP D 92 52.44 18.00 13.13
CA ASP D 92 52.12 19.14 12.27
C ASP D 92 51.86 18.78 10.80
N TYR D 93 52.53 17.75 10.28
CA TYR D 93 52.32 17.34 8.89
C TYR D 93 51.06 16.48 8.75
N SER D 94 51.00 15.39 9.51
CA SER D 94 49.83 14.51 9.50
C SER D 94 48.54 15.27 9.82
N LEU D 95 48.66 16.29 10.66
CA LEU D 95 47.57 17.24 10.85
C LEU D 95 47.24 17.89 9.52
N ALA D 96 48.26 18.40 8.85
CA ALA D 96 48.11 18.95 7.49
C ALA D 96 47.48 17.94 6.52
N ALA D 97 47.97 16.71 6.56
CA ALA D 97 47.49 15.66 5.66
C ALA D 97 46.02 15.43 5.90
N ALA D 98 45.70 15.06 7.15
CA ALA D 98 44.34 14.72 7.55
C ALA D 98 43.37 15.86 7.30
N LEU D 99 43.73 17.07 7.74
CA LEU D 99 42.87 18.24 7.53
C LEU D 99 42.44 18.32 6.07
N THR D 100 43.41 18.57 5.21
CA THR D 100 43.17 18.84 3.80
C THR D 100 42.40 17.72 3.11
N LEU D 101 42.85 16.48 3.30
CA LEU D 101 42.23 15.35 2.64
C LEU D 101 40.76 15.30 3.02
N HIS D 102 40.50 15.25 4.33
CA HIS D 102 39.15 15.20 4.91
C HIS D 102 38.26 16.30 4.35
N GLY D 103 38.75 17.54 4.41
CA GLY D 103 38.02 18.68 3.87
C GLY D 103 37.84 18.61 2.37
N HIS D 104 38.75 17.93 1.68
CA HIS D 104 38.63 17.76 0.25
C HIS D 104 37.47 16.82 -0.04
N TRP D 105 37.52 15.61 0.48
CA TRP D 105 36.40 14.69 0.37
C TRP D 105 35.10 15.30 0.94
N GLY D 106 35.23 16.08 2.02
CA GLY D 106 34.10 16.78 2.57
C GLY D 106 33.40 17.56 1.48
N ILE D 107 33.99 18.69 1.11
CA ILE D 107 33.51 19.52 0.01
C ILE D 107 33.15 18.70 -1.21
N GLY D 108 34.00 17.73 -1.57
CA GLY D 108 33.64 16.78 -2.61
C GLY D 108 32.15 16.49 -2.60
N GLN D 109 31.65 16.05 -1.45
CA GLN D 109 30.26 15.64 -1.29
C GLN D 109 29.30 16.77 -1.60
N VAL D 110 29.53 17.92 -0.97
CA VAL D 110 28.67 19.08 -1.12
C VAL D 110 28.49 19.40 -2.59
N VAL D 111 29.60 19.28 -3.31
CA VAL D 111 29.65 19.53 -4.73
C VAL D 111 28.83 18.48 -5.46
N THR D 112 29.21 17.21 -5.30
CA THR D 112 28.41 16.14 -5.91
C THR D 112 26.94 16.14 -5.45
N ASP D 113 26.61 16.85 -4.37
CA ASP D 113 25.22 17.01 -3.92
C ASP D 113 24.45 18.11 -4.66
N TYR D 114 25.10 19.26 -4.89
CA TYR D 114 24.43 20.45 -5.43
C TYR D 114 24.83 20.87 -6.84
N VAL D 115 25.97 20.40 -7.33
CA VAL D 115 26.47 20.84 -8.63
C VAL D 115 26.00 19.88 -9.72
N ARG D 116 25.04 20.34 -10.53
CA ARG D 116 24.33 19.47 -11.48
C ARG D 116 24.86 19.59 -12.92
N GLY D 117 24.75 18.50 -13.66
CA GLY D 117 25.25 18.46 -15.03
C GLY D 117 26.70 18.02 -15.03
N ASP D 118 27.15 17.52 -16.17
CA ASP D 118 28.51 16.95 -16.30
C ASP D 118 29.57 18.05 -16.28
N ALA D 119 29.60 18.87 -17.33
CA ALA D 119 30.64 19.89 -17.50
C ALA D 119 30.94 20.60 -16.18
N LEU D 120 29.91 21.18 -15.58
CA LEU D 120 30.04 21.97 -14.36
C LEU D 120 30.67 21.21 -13.21
N GLN D 121 30.24 19.96 -13.00
CA GLN D 121 30.71 19.17 -11.85
C GLN D 121 32.20 18.87 -11.98
N LYS D 122 32.60 18.25 -13.08
CA LYS D 122 34.01 18.10 -13.49
C LYS D 122 34.85 19.37 -13.27
N VAL D 123 34.29 20.51 -13.66
CA VAL D 123 34.95 21.81 -13.54
C VAL D 123 35.19 22.22 -12.10
N ALA D 124 34.12 22.21 -11.31
CA ALA D 124 34.21 22.44 -9.88
C ALA D 124 35.13 21.38 -9.27
N LYS D 125 34.92 20.11 -9.61
CA LYS D 125 35.75 19.02 -9.07
C LYS D 125 37.24 19.30 -9.23
N ALA D 126 37.61 19.82 -10.39
CA ALA D 126 38.99 20.21 -10.65
C ALA D 126 39.38 21.40 -9.79
N GLY D 127 38.67 22.51 -9.98
CA GLY D 127 38.92 23.74 -9.23
C GLY D 127 38.94 23.51 -7.72
N LEU D 128 38.24 22.48 -7.27
CA LEU D 128 38.33 22.03 -5.90
C LEU D 128 39.72 21.44 -5.67
N LEU D 129 40.06 20.43 -6.46
CA LEU D 129 41.38 19.76 -6.41
C LEU D 129 42.59 20.71 -6.39
N ALA D 130 42.51 21.79 -7.16
CA ALA D 130 43.54 22.80 -7.14
C ALA D 130 43.59 23.36 -5.73
N LEU D 131 42.44 23.78 -5.24
CA LEU D 131 42.36 24.38 -3.93
C LEU D 131 42.98 23.45 -2.89
N SER D 132 42.60 22.19 -2.94
CA SER D 132 43.09 21.17 -2.02
C SER D 132 44.59 20.95 -2.14
N ALA D 133 45.07 20.87 -3.37
CA ALA D 133 46.50 20.75 -3.63
C ALA D 133 47.26 21.99 -3.12
N PHE D 134 46.83 23.17 -3.56
CA PHE D 134 47.38 24.40 -3.04
C PHE D 134 47.40 24.37 -1.52
N THR D 135 46.24 24.05 -0.92
CA THR D 135 46.14 24.02 0.52
C THR D 135 47.18 23.07 1.16
N PHE D 136 47.19 21.79 0.79
CA PHE D 136 48.22 20.91 1.37
C PHE D 136 49.62 21.52 1.27
N ALA D 137 49.96 22.08 0.12
CA ALA D 137 51.29 22.65 -0.09
C ALA D 137 51.51 23.80 0.88
N GLY D 138 50.64 24.79 0.80
CA GLY D 138 50.70 25.94 1.69
C GLY D 138 50.89 25.59 3.15
N LEU D 139 50.27 24.51 3.60
CA LEU D 139 50.45 24.06 4.98
C LEU D 139 51.83 23.45 5.17
N CYS D 140 52.14 22.40 4.43
CA CYS D 140 53.48 21.82 4.46
C CYS D 140 54.58 22.88 4.44
N TYR D 141 54.37 23.91 3.62
CA TYR D 141 55.30 25.02 3.52
C TYR D 141 55.43 25.70 4.87
N PHE D 142 54.30 26.15 5.40
CA PHE D 142 54.23 26.79 6.70
C PHE D 142 54.86 25.96 7.82
N ASN D 143 54.67 24.65 7.77
CA ASN D 143 55.31 23.72 8.72
C ASN D 143 56.82 23.76 8.57
N TYR D 144 57.28 23.82 7.33
CA TYR D 144 58.70 23.79 7.00
C TYR D 144 59.41 25.16 7.18
N HIS D 145 58.82 26.23 6.65
CA HIS D 145 59.47 27.55 6.64
C HIS D 145 58.87 28.53 7.62
N ASP D 146 58.19 28.02 8.65
CA ASP D 146 57.60 28.86 9.69
C ASP D 146 57.29 28.01 10.91
N VAL D 147 56.55 28.61 11.83
CA VAL D 147 56.25 28.06 13.15
C VAL D 147 55.65 26.64 13.16
N GLY D 148 54.74 26.36 12.23
CA GLY D 148 54.06 25.05 12.15
C GLY D 148 52.73 25.13 12.86
N ILE D 149 51.79 24.26 12.49
CA ILE D 149 50.39 24.48 12.92
C ILE D 149 50.29 24.43 14.44
N CYS D 150 50.71 23.32 15.02
CA CYS D 150 50.65 23.16 16.46
C CYS D 150 51.01 24.48 17.15
N LYS D 151 52.28 24.87 17.01
CA LYS D 151 52.83 26.04 17.70
C LYS D 151 52.13 27.32 17.25
N ALA D 152 51.84 27.46 15.96
CA ALA D 152 51.09 28.63 15.45
C ALA D 152 49.82 28.87 16.25
N VAL D 153 49.08 27.80 16.52
CA VAL D 153 47.85 27.92 17.30
C VAL D 153 48.25 28.40 18.70
N ALA D 154 49.17 27.66 19.33
CA ALA D 154 49.62 27.95 20.70
C ALA D 154 49.94 29.42 20.91
N MET D 155 50.75 29.98 20.02
CA MET D 155 51.08 31.39 20.06
C MET D 155 49.79 32.18 19.91
N LEU D 156 49.04 31.88 18.85
CA LEU D 156 47.82 32.60 18.57
C LEU D 156 46.94 32.63 19.81
N TRP D 157 46.96 31.53 20.57
CA TRP D 157 46.13 31.42 21.76
C TRP D 157 46.58 32.38 22.87
N LYS D 158 47.84 32.27 23.29
CA LYS D 158 48.43 33.17 24.31
C LYS D 158 47.95 34.62 24.15
N LEU D 159 47.79 35.05 22.91
CA LEU D 159 47.30 36.38 22.58
C LEU D 159 46.08 36.82 23.40
PA FAD E . -9.23 -6.32 -5.32
O1A FAD E . -8.10 -6.91 -4.54
O2A FAD E . -10.21 -5.43 -4.60
O5B FAD E . -8.60 -5.47 -6.54
C5B FAD E . -9.41 -4.94 -7.58
C4B FAD E . -8.55 -4.39 -8.72
O4B FAD E . -9.38 -4.01 -9.83
C3B FAD E . -7.76 -3.14 -8.36
O3B FAD E . -6.45 -3.24 -8.91
C2B FAD E . -8.53 -2.00 -8.99
O2B FAD E . -7.69 -0.90 -9.35
C1B FAD E . -9.14 -2.65 -10.22
N9A FAD E . -10.35 -1.90 -10.71
C8A FAD E . -11.51 -1.64 -10.06
N7A FAD E . -12.35 -0.93 -10.86
C5A FAD E . -11.73 -0.72 -12.04
C6A FAD E . -12.01 -0.06 -13.33
N6A FAD E . -13.18 0.60 -13.58
N1A FAD E . -11.06 -0.10 -14.29
C2A FAD E . -9.87 -0.72 -14.12
N3A FAD E . -9.55 -1.33 -12.97
C4A FAD E . -10.42 -1.37 -11.92
N1 FAD E . -9.79 -12.78 2.13
C2 FAD E . -9.09 -13.83 2.64
O2 FAD E . -9.08 -14.89 1.97
N3 FAD E . -8.42 -13.73 3.81
C4 FAD E . -8.40 -12.60 4.54
O4 FAD E . -7.78 -12.54 5.62
C4X FAD E . -9.17 -11.44 4.04
N5 FAD E . -9.21 -10.27 4.71
C5X FAD E . -9.91 -9.22 4.22
C6 FAD E . -9.92 -8.04 4.96
C7 FAD E . -10.62 -6.93 4.49
C7M FAD E . -10.63 -5.65 5.29
C8 FAD E . -11.35 -7.04 3.20
C8M FAD E . -12.12 -5.89 2.71
C9 FAD E . -11.36 -8.21 2.47
C9A FAD E . -10.65 -9.31 2.94
N10 FAD E . -10.62 -10.52 2.24
C10 FAD E . -9.87 -11.59 2.77
C1' FAD E . -11.31 -10.69 0.96
C2' FAD E . -10.26 -10.34 -0.09
O2' FAD E . -9.38 -9.30 0.36
C3' FAD E . -10.88 -9.89 -1.40
O3' FAD E . -11.86 -10.85 -1.78
C4' FAD E . -9.78 -9.76 -2.44
O4' FAD E . -8.89 -8.73 -1.99
C5' FAD E . -10.30 -9.45 -3.83
O5' FAD E . -9.21 -9.44 -4.75
P FAD E . -9.42 -8.99 -6.27
O1P FAD E . -8.08 -8.91 -6.98
O2P FAD E . -10.53 -9.84 -6.87
O3P FAD E . -10.01 -7.50 -6.06
FE1 FES F . -4.83 6.58 3.62
FE2 FES F . -5.16 4.18 2.07
S1 FES F . -6.07 6.18 1.81
S2 FES F . -3.41 4.93 3.19
FE1 SF4 G . 8.93 5.10 3.37
FE2 SF4 G . 7.48 2.42 3.38
FE3 SF4 G . 5.79 4.97 3.61
FE4 SF4 G . 7.62 4.10 5.99
S1 SF4 G . 6.08 3.22 4.78
S2 SF4 G . 7.42 5.80 4.72
S3 SF4 G . 9.02 3.34 4.55
S4 SF4 G . 7.31 4.23 2.29
FE1 F3S H . 19.58 9.61 4.43
FE3 F3S H . 17.46 11.40 3.54
FE4 F3S H . 17.03 9.68 5.73
S1 F3S H . 19.63 11.56 3.50
S2 F3S H . 18.92 8.75 6.36
S3 F3S H . 17.57 9.22 3.67
S4 F3S H . 15.93 11.45 5.11
CHA HEM I . 32.09 16.19 7.07
CHB HEM I . 33.87 14.23 11.10
CHC HEM I . 36.84 18.03 11.60
CHD HEM I . 35.29 19.75 7.40
C1A HEM I . 32.33 15.34 8.10
C2A HEM I . 31.72 14.08 8.24
C3A HEM I . 32.24 13.52 9.38
C4A HEM I . 33.15 14.45 9.93
CMA HEM I . 31.91 12.17 9.97
CAA HEM I . 30.72 13.44 7.31
CBA HEM I . 29.26 13.68 7.70
CGA HEM I . 28.39 12.60 7.09
O1A HEM I . 27.68 12.89 6.10
O2A HEM I . 28.38 11.44 7.56
C1B HEM I . 34.85 15.10 11.60
C2B HEM I . 35.59 14.88 12.81
C3B HEM I . 36.43 15.96 12.95
C4B HEM I . 36.16 16.83 11.80
CMB HEM I . 35.47 13.68 13.73
CAB HEM I . 37.44 16.29 13.98
CBB HEM I . 37.75 15.47 14.96
C1C HEM I . 36.72 18.84 10.48
C2C HEM I . 37.57 19.92 10.15
C3C HEM I . 37.13 20.42 8.93
C4C HEM I . 36.01 19.61 8.53
CMC HEM I . 38.73 20.43 10.98
CAC HEM I . 37.64 21.53 8.10
CBC HEM I . 38.76 22.20 8.37
C1D HEM I . 34.29 18.87 7.04
C2D HEM I . 33.57 19.12 5.80
C3D HEM I . 32.69 18.13 5.72
C4D HEM I . 32.87 17.30 6.90
CMD HEM I . 33.77 20.25 4.82
CAD HEM I . 31.66 17.91 4.64
CBD HEM I . 30.32 18.39 5.21
CGD HEM I . 29.18 17.51 4.75
O1D HEM I . 29.33 16.73 3.78
O2D HEM I . 28.07 17.59 5.34
NA HEM I . 33.20 15.55 9.12
NB HEM I . 35.20 16.26 11.08
NC HEM I . 35.80 18.67 9.48
ND HEM I . 33.84 17.78 7.67
FE HEM I . 34.49 17.07 9.31
OAD E23 J . 20.65 20.53 1.45
CAR E23 J . 20.50 20.09 2.58
CAU E23 J . 21.56 19.24 3.22
CAJ E23 J . 21.97 19.61 4.50
CAH E23 J . 22.94 18.89 5.19
CAI E23 J . 23.52 17.78 4.59
CAM E23 J . 23.13 17.40 3.32
CAV E23 J . 22.15 18.11 2.62
CAX E23 J . 21.77 17.63 1.24
FAG E23 J . 22.54 18.25 0.37
FAF E23 J . 20.50 17.89 0.99
FAE E23 J . 21.92 16.32 1.13
NAQ E23 J . 19.41 20.35 3.27
CAP E23 J . 18.26 21.11 2.86
CAS E23 J . 18.39 22.57 3.24
CAL E23 J . 17.35 23.17 3.93
CAO E23 J . 17.43 24.52 4.28
CAT E23 J . 18.56 25.28 3.95
CAW E23 J . 18.69 26.74 4.31
CAA E23 J . 18.79 27.54 3.00
CAC E23 J . 19.97 26.93 5.13
CAB E23 J . 17.49 27.24 5.11
CAN E23 J . 19.61 24.66 3.24
CAK E23 J . 19.53 23.31 2.89
#